data_1V6X
#
_entry.id   1V6X
#
_cell.length_a   74.540
_cell.length_b   94.240
_cell.length_c   137.430
_cell.angle_alpha   90.00
_cell.angle_beta   90.00
_cell.angle_gamma   90.00
#
_symmetry.space_group_name_H-M   'P 21 21 21'
#
loop_
_entity.id
_entity.type
_entity.pdbx_description
1 polymer ENDO-1,4-BETA-D-XYLANASE
2 branched '4-O-methyl-alpha-D-glucopyranuronic acid-(1-2)-beta-D-xylopyranose-(1-4)-beta-D-xylopyranose-(1-4)-beta-D-xylopyranose'
3 branched beta-D-xylopyranose-(1-4)-beta-D-xylopyranose
4 branched beta-D-xylopyranose-(1-4)-beta-D-xylopyranose-(1-4)-beta-D-xylopyranose
5 non-polymer beta-D-xylopyranose
6 water water
#
_entity_poly.entity_id   1
_entity_poly.type   'polypeptide(L)'
_entity_poly.pdbx_seq_one_letter_code
;AESTLGAAAAQSGRYFGTAIASGKLGDSAYTTIASREFNMVTAENEMKIDATEPQRGQFNFSAGDRVYNWAVQNGKQVRG
HTLAWHSQQPGWMQSLSGSTLRQAMIDHINGVMGHYKGKIAQWDVVNEAFSDDGSGGRRDSNLQRTGNDWIEVAFRTARA
ADPAAKLCYNDYNIENWTWAKTQGVYNMVRDFKQRGVPIDCVGFQSHFNSGSPYNSNFRTTLQNFAALGVDVAITELDIQ
GASSSTYAAVTNDCLAVSRCLGITVWGVRDTDSWRSGDTPLLFNGDGSKKAAYTAVLNALNGGSSTPPPSGGGQIKGVGS
GRCLDVPNASTTDGTQVQLYDCHSATNQQWTYTDAGELRVYGDKCLDAAGTGNGTKVQIYSCWGGDNQKWRLNSDGSIVG
VQSGLCLDAVGGGTANGTLIQLYSCSNGSNQRWTRT
;
_entity_poly.pdbx_strand_id   A,B
#
# COMPACT_ATOMS: atom_id res chain seq x y z
N ALA A 1 29.50 -6.85 15.53
CA ALA A 1 28.15 -6.23 15.60
C ALA A 1 27.59 -6.10 14.20
N GLU A 2 26.44 -6.74 13.95
CA GLU A 2 25.85 -6.68 12.63
C GLU A 2 24.40 -7.13 12.56
N SER A 3 23.68 -7.06 13.67
CA SER A 3 22.28 -7.44 13.69
C SER A 3 21.42 -6.16 13.68
N THR A 4 22.08 -5.01 13.87
CA THR A 4 21.41 -3.71 13.86
C THR A 4 22.12 -2.77 12.88
N LEU A 5 21.38 -1.84 12.30
CA LEU A 5 21.94 -0.91 11.33
C LEU A 5 23.18 -0.15 11.80
N GLY A 6 23.07 0.53 12.93
CA GLY A 6 24.20 1.30 13.44
C GLY A 6 25.45 0.45 13.58
N ALA A 7 25.31 -0.66 14.29
CA ALA A 7 26.44 -1.57 14.52
C ALA A 7 27.02 -2.09 13.22
N ALA A 8 26.18 -2.34 12.23
CA ALA A 8 26.65 -2.84 10.94
C ALA A 8 27.43 -1.72 10.22
N ALA A 9 26.91 -0.51 10.28
CA ALA A 9 27.59 0.61 9.65
C ALA A 9 28.94 0.86 10.33
N ALA A 10 28.96 0.72 11.66
CA ALA A 10 30.19 0.94 12.41
C ALA A 10 31.34 0.03 11.98
N GLN A 11 31.01 -1.12 11.40
CA GLN A 11 32.02 -2.07 10.94
C GLN A 11 32.94 -1.43 9.91
N SER A 12 32.43 -0.44 9.18
CA SER A 12 33.23 0.24 8.18
C SER A 12 33.53 1.66 8.61
N GLY A 13 33.47 1.90 9.91
CA GLY A 13 33.76 3.21 10.45
C GLY A 13 32.70 4.26 10.17
N ARG A 14 31.52 3.82 9.77
CA ARG A 14 30.43 4.72 9.45
C ARG A 14 29.33 4.69 10.50
N TYR A 15 28.27 5.46 10.26
CA TYR A 15 27.14 5.50 11.16
C TYR A 15 25.84 5.35 10.39
N PHE A 16 24.78 4.96 11.07
CA PHE A 16 23.48 4.88 10.45
C PHE A 16 22.56 5.55 11.45
N GLY A 17 22.07 6.73 11.10
CA GLY A 17 21.23 7.47 12.02
C GLY A 17 19.81 7.70 11.56
N THR A 18 19.08 8.47 12.36
CA THR A 18 17.70 8.78 12.06
C THR A 18 17.37 10.18 12.55
N ALA A 19 16.17 10.62 12.23
CA ALA A 19 15.69 11.91 12.68
C ALA A 19 14.77 11.60 13.85
N ILE A 20 15.03 12.21 15.01
CA ILE A 20 14.23 11.98 16.20
C ILE A 20 13.26 13.13 16.44
N ALA A 21 12.03 12.79 16.80
CA ALA A 21 11.00 13.77 17.10
C ALA A 21 10.83 13.71 18.62
N SER A 22 11.17 14.79 19.32
CA SER A 22 11.07 14.82 20.78
C SER A 22 9.71 14.36 21.33
N GLY A 23 8.64 14.66 20.61
CA GLY A 23 7.32 14.27 21.07
C GLY A 23 7.05 12.78 21.10
N LYS A 24 7.84 12.02 20.36
CA LYS A 24 7.67 10.57 20.31
C LYS A 24 8.58 9.81 21.28
N LEU A 25 9.48 10.53 21.95
CA LEU A 25 10.39 9.86 22.90
C LEU A 25 9.65 9.25 24.07
N GLY A 26 8.35 9.52 24.16
CA GLY A 26 7.56 8.94 25.24
C GLY A 26 6.88 7.65 24.82
N ASP A 27 6.95 7.37 23.51
CA ASP A 27 6.35 6.17 22.91
C ASP A 27 7.38 5.04 22.94
N SER A 28 7.17 4.04 23.82
CA SER A 28 8.12 2.94 23.91
C SER A 28 8.29 2.14 22.60
N ALA A 29 7.25 2.07 21.79
CA ALA A 29 7.35 1.35 20.52
C ALA A 29 8.34 2.11 19.65
N TYR A 30 8.32 3.42 19.76
CA TYR A 30 9.22 4.29 19.00
C TYR A 30 10.65 4.16 19.52
N THR A 31 10.85 4.41 20.81
CA THR A 31 12.18 4.33 21.38
C THR A 31 12.81 2.94 21.35
N THR A 32 12.00 1.89 21.41
CA THR A 32 12.57 0.55 21.36
C THR A 32 13.32 0.39 20.05
N ILE A 33 12.71 0.81 18.95
CA ILE A 33 13.36 0.72 17.65
C ILE A 33 14.53 1.70 17.55
N ALA A 34 14.24 2.98 17.81
CA ALA A 34 15.24 4.04 17.72
C ALA A 34 16.52 3.81 18.51
N SER A 35 16.40 3.45 19.79
CA SER A 35 17.59 3.24 20.62
C SER A 35 18.40 2.02 20.18
N ARG A 36 17.73 1.05 19.58
CA ARG A 36 18.36 -0.19 19.14
C ARG A 36 19.06 -0.13 17.78
N GLU A 37 18.41 0.47 16.80
CA GLU A 37 18.93 0.52 15.43
C GLU A 37 19.91 1.60 15.00
N PHE A 38 19.90 2.76 15.64
CA PHE A 38 20.75 3.88 15.21
C PHE A 38 21.83 4.35 16.17
N ASN A 39 22.93 4.86 15.60
CA ASN A 39 24.01 5.38 16.42
C ASN A 39 24.33 6.85 16.07
N MET A 40 23.41 7.49 15.37
CA MET A 40 23.54 8.91 15.01
C MET A 40 22.12 9.49 15.06
N VAL A 41 22.01 10.71 15.58
CA VAL A 41 20.72 11.36 15.72
C VAL A 41 20.68 12.80 15.21
N THR A 42 19.56 13.17 14.62
CA THR A 42 19.34 14.53 14.14
C THR A 42 17.99 14.94 14.73
N ALA A 43 17.92 16.12 15.34
CA ALA A 43 16.65 16.58 15.89
C ALA A 43 15.82 16.94 14.66
N GLU A 44 14.63 16.34 14.53
CA GLU A 44 13.78 16.64 13.38
C GLU A 44 13.37 18.12 13.28
N ASN A 45 13.20 18.77 14.43
CA ASN A 45 12.79 20.18 14.43
C ASN A 45 13.32 20.99 15.62
N GLU A 46 13.67 20.30 16.70
CA GLU A 46 14.11 20.95 17.93
C GLU A 46 15.34 21.86 17.93
N MET A 47 16.19 21.77 16.90
CA MET A 47 17.38 22.61 16.84
C MET A 47 17.33 23.62 15.70
N LYS A 48 16.14 23.81 15.12
CA LYS A 48 15.99 24.77 14.03
C LYS A 48 15.91 26.19 14.58
N ILE A 49 16.04 27.17 13.69
CA ILE A 49 16.03 28.58 14.07
C ILE A 49 14.85 29.02 14.95
N ASP A 50 13.63 28.83 14.48
CA ASP A 50 12.45 29.23 15.23
C ASP A 50 12.36 28.54 16.60
N ALA A 51 12.87 27.31 16.69
CA ALA A 51 12.81 26.55 17.93
C ALA A 51 13.88 26.93 18.94
N THR A 52 15.06 27.35 18.46
CA THR A 52 16.13 27.72 19.37
C THR A 52 16.18 29.21 19.71
N GLU A 53 15.69 30.06 18.81
CA GLU A 53 15.68 31.50 19.08
C GLU A 53 14.31 32.07 18.75
N PRO A 54 13.32 31.82 19.62
CA PRO A 54 11.93 32.28 19.49
C PRO A 54 11.85 33.79 19.39
N GLN A 55 12.76 34.46 20.08
CA GLN A 55 12.83 35.92 20.09
C GLN A 55 14.31 36.23 19.94
N ARG A 56 14.64 37.24 19.15
CA ARG A 56 16.05 37.58 18.94
C ARG A 56 16.78 37.84 20.25
N GLY A 57 17.88 37.10 20.46
CA GLY A 57 18.66 37.27 21.66
C GLY A 57 18.18 36.39 22.81
N GLN A 58 17.03 35.75 22.63
CA GLN A 58 16.47 34.89 23.67
C GLN A 58 16.44 33.45 23.19
N PHE A 59 17.48 32.69 23.53
CA PHE A 59 17.59 31.30 23.11
C PHE A 59 16.89 30.30 24.02
N ASN A 60 16.25 29.31 23.41
CA ASN A 60 15.54 28.26 24.13
C ASN A 60 16.07 26.92 23.64
N PHE A 61 16.86 26.26 24.48
CA PHE A 61 17.46 24.97 24.12
C PHE A 61 16.83 23.76 24.80
N SER A 62 15.70 23.97 25.47
CA SER A 62 15.03 22.89 26.17
C SER A 62 14.68 21.69 25.28
N ALA A 63 13.93 21.93 24.21
CA ALA A 63 13.56 20.85 23.32
C ALA A 63 14.80 20.24 22.68
N GLY A 64 15.71 21.10 22.20
CA GLY A 64 16.93 20.63 21.56
C GLY A 64 17.77 19.72 22.44
N ASP A 65 18.03 20.15 23.68
CA ASP A 65 18.84 19.38 24.60
C ASP A 65 18.16 18.06 24.95
N ARG A 66 16.83 18.08 24.96
CA ARG A 66 16.04 16.90 25.27
C ARG A 66 16.46 15.80 24.28
N VAL A 67 16.50 16.17 23.00
CA VAL A 67 16.90 15.25 21.95
C VAL A 67 18.38 14.90 22.05
N TYR A 68 19.19 15.93 22.27
CA TYR A 68 20.63 15.76 22.38
C TYR A 68 20.97 14.76 23.48
N ASN A 69 20.41 14.96 24.67
CA ASN A 69 20.68 14.08 25.81
C ASN A 69 20.21 12.64 25.55
N TRP A 70 19.01 12.50 25.01
CA TRP A 70 18.49 11.16 24.70
C TRP A 70 19.52 10.47 23.80
N ALA A 71 20.00 11.20 22.80
CA ALA A 71 20.95 10.64 21.87
C ALA A 71 22.21 10.16 22.58
N VAL A 72 22.95 11.07 23.19
CA VAL A 72 24.18 10.73 23.89
C VAL A 72 23.99 9.62 24.94
N GLN A 73 22.90 9.70 25.72
CA GLN A 73 22.62 8.69 26.73
C GLN A 73 22.44 7.30 26.10
N ASN A 74 21.95 7.26 24.87
CA ASN A 74 21.74 5.98 24.21
C ASN A 74 22.83 5.59 23.22
N GLY A 75 23.99 6.24 23.34
CA GLY A 75 25.12 5.92 22.47
C GLY A 75 25.06 6.43 21.05
N LYS A 76 24.49 7.60 20.85
CA LYS A 76 24.41 8.17 19.50
C LYS A 76 25.04 9.54 19.45
N GLN A 77 25.71 9.83 18.33
CA GLN A 77 26.32 11.14 18.12
C GLN A 77 25.18 12.00 17.59
N VAL A 78 25.44 13.28 17.35
CA VAL A 78 24.39 14.18 16.89
C VAL A 78 24.77 15.12 15.75
N ARG A 79 23.86 15.27 14.79
CA ARG A 79 24.02 16.20 13.67
C ARG A 79 23.13 17.39 14.03
N GLY A 80 23.72 18.58 14.16
CA GLY A 80 22.94 19.76 14.48
C GLY A 80 22.24 20.26 13.23
N HIS A 81 20.92 20.41 13.29
CA HIS A 81 20.13 20.84 12.13
C HIS A 81 19.06 21.85 12.56
N THR A 82 19.10 23.10 12.07
CA THR A 82 20.10 23.64 11.13
C THR A 82 20.24 25.13 11.49
N LEU A 83 21.41 25.71 11.28
CA LEU A 83 21.70 27.10 11.64
C LEU A 83 21.24 28.28 10.76
N ALA A 84 21.37 28.14 9.45
CA ALA A 84 20.99 29.23 8.54
C ALA A 84 20.13 28.65 7.43
N TRP A 85 18.87 29.08 7.36
CA TRP A 85 17.95 28.53 6.38
C TRP A 85 16.81 29.52 6.13
N HIS A 86 16.25 29.49 4.92
CA HIS A 86 15.16 30.39 4.56
C HIS A 86 13.83 29.91 5.13
N SER A 87 13.77 28.64 5.51
CA SER A 87 12.55 28.06 6.06
C SER A 87 12.54 27.90 7.57
N GLN A 88 11.33 27.85 8.12
CA GLN A 88 11.12 27.70 9.56
C GLN A 88 11.90 28.70 10.41
N GLN A 89 11.93 29.96 9.96
CA GLN A 89 12.59 31.03 10.72
C GLN A 89 11.52 31.63 11.61
N PRO A 90 11.88 32.07 12.82
CA PRO A 90 10.82 32.65 13.65
C PRO A 90 10.22 33.87 12.97
N GLY A 91 9.02 34.27 13.39
CA GLY A 91 8.36 35.41 12.79
C GLY A 91 9.19 36.68 12.74
N TRP A 92 9.97 36.93 13.79
CA TRP A 92 10.80 38.13 13.85
C TRP A 92 11.94 38.17 12.83
N MET A 93 12.44 37.01 12.44
CA MET A 93 13.53 36.96 11.48
C MET A 93 13.02 37.04 10.05
N GLN A 94 11.82 36.51 9.82
CA GLN A 94 11.24 36.52 8.49
C GLN A 94 11.02 37.91 7.94
N SER A 95 10.99 38.91 8.82
CA SER A 95 10.77 40.29 8.40
C SER A 95 12.05 41.11 8.28
N LEU A 96 13.15 40.60 8.83
CA LEU A 96 14.41 41.32 8.76
C LEU A 96 15.00 41.31 7.36
N SER A 97 15.91 42.24 7.08
CA SER A 97 16.56 42.34 5.78
C SER A 97 17.95 42.94 5.88
N GLY A 98 18.67 42.92 4.77
CA GLY A 98 20.01 43.49 4.74
C GLY A 98 20.91 43.15 5.90
N SER A 99 21.65 44.16 6.37
CA SER A 99 22.60 44.01 7.47
C SER A 99 22.00 43.52 8.78
N THR A 100 20.86 44.06 9.19
CA THR A 100 20.25 43.63 10.44
C THR A 100 20.00 42.11 10.43
N LEU A 101 19.53 41.59 9.29
CA LEU A 101 19.28 40.16 9.17
C LEU A 101 20.60 39.42 9.17
N ARG A 102 21.60 40.00 8.50
CA ARG A 102 22.93 39.39 8.42
C ARG A 102 23.53 39.21 9.81
N GLN A 103 23.36 40.22 10.66
CA GLN A 103 23.88 40.18 12.02
C GLN A 103 23.06 39.20 12.85
N ALA A 104 21.77 39.11 12.56
CA ALA A 104 20.88 38.21 13.27
C ALA A 104 21.27 36.75 12.97
N MET A 105 21.71 36.50 11.74
CA MET A 105 22.14 35.18 11.30
C MET A 105 23.42 34.83 12.07
N ILE A 106 24.38 35.74 12.04
CA ILE A 106 25.64 35.54 12.72
C ILE A 106 25.42 35.30 14.20
N ASP A 107 24.58 36.12 14.82
CA ASP A 107 24.31 35.95 16.24
C ASP A 107 23.69 34.58 16.51
N HIS A 108 22.69 34.22 15.71
CA HIS A 108 22.04 32.93 15.89
C HIS A 108 23.06 31.79 15.90
N ILE A 109 23.94 31.78 14.90
CA ILE A 109 24.96 30.75 14.81
C ILE A 109 25.82 30.71 16.05
N ASN A 110 26.27 31.87 16.51
CA ASN A 110 27.11 31.93 17.70
C ASN A 110 26.35 31.43 18.92
N GLY A 111 25.07 31.79 19.01
CA GLY A 111 24.28 31.37 20.15
C GLY A 111 24.10 29.87 20.25
N VAL A 112 23.54 29.26 19.22
CA VAL A 112 23.30 27.83 19.20
C VAL A 112 24.58 27.00 19.30
N MET A 113 25.55 27.30 18.43
CA MET A 113 26.81 26.56 18.45
C MET A 113 27.59 26.76 19.74
N GLY A 114 27.40 27.91 20.36
CA GLY A 114 28.09 28.17 21.61
C GLY A 114 27.55 27.23 22.68
N HIS A 115 26.23 27.11 22.73
CA HIS A 115 25.55 26.24 23.70
C HIS A 115 25.96 24.77 23.54
N TYR A 116 26.07 24.32 22.30
CA TYR A 116 26.43 22.95 21.99
C TYR A 116 27.92 22.73 21.69
N LYS A 117 28.72 23.79 21.80
CA LYS A 117 30.14 23.73 21.52
C LYS A 117 30.85 22.47 21.98
N GLY A 118 31.51 21.79 21.04
CA GLY A 118 32.25 20.58 21.35
C GLY A 118 31.39 19.34 21.53
N LYS A 119 30.07 19.51 21.52
CA LYS A 119 29.16 18.37 21.71
C LYS A 119 28.58 17.81 20.41
N ILE A 120 28.66 18.58 19.33
CA ILE A 120 28.10 18.16 18.04
C ILE A 120 29.11 17.62 17.03
N ALA A 121 28.76 16.49 16.42
CA ALA A 121 29.62 15.86 15.42
C ALA A 121 29.59 16.62 14.09
N GLN A 122 28.40 17.01 13.66
CA GLN A 122 28.24 17.74 12.40
C GLN A 122 27.16 18.79 12.52
N TRP A 123 27.35 19.91 11.82
CA TRP A 123 26.36 20.99 11.81
C TRP A 123 25.96 21.32 10.38
N ASP A 124 24.65 21.34 10.13
CA ASP A 124 24.19 21.74 8.83
C ASP A 124 24.14 23.25 9.04
N VAL A 125 25.25 23.91 8.75
CA VAL A 125 25.35 25.34 8.94
C VAL A 125 24.37 26.09 8.04
N VAL A 126 24.41 25.77 6.75
CA VAL A 126 23.51 26.40 5.79
C VAL A 126 22.69 25.33 5.09
N ASN A 127 21.38 25.55 4.99
CA ASN A 127 20.48 24.59 4.38
C ASN A 127 19.69 25.16 3.20
N GLU A 128 19.60 24.36 2.13
CA GLU A 128 18.85 24.69 0.90
C GLU A 128 19.01 26.10 0.33
N ALA A 129 20.25 26.51 0.08
CA ALA A 129 20.52 27.84 -0.45
C ALA A 129 20.44 27.93 -1.98
N PHE A 130 20.19 26.81 -2.64
CA PHE A 130 20.11 26.82 -4.10
C PHE A 130 18.71 26.60 -4.67
N SER A 131 18.47 27.20 -5.83
CA SER A 131 17.17 27.11 -6.50
C SER A 131 16.94 25.85 -7.33
N ASP A 132 15.67 25.52 -7.54
CA ASP A 132 15.28 24.36 -8.34
C ASP A 132 14.77 24.88 -9.69
N ASP A 133 15.04 26.14 -10.00
CA ASP A 133 14.55 26.73 -11.25
C ASP A 133 15.29 26.27 -12.51
N GLY A 134 16.32 25.44 -12.34
CA GLY A 134 17.06 24.95 -13.48
C GLY A 134 18.27 25.79 -13.87
N SER A 135 18.44 26.94 -13.21
CA SER A 135 19.54 27.84 -13.49
C SER A 135 20.84 27.42 -12.81
N GLY A 136 20.72 26.78 -11.65
CA GLY A 136 21.90 26.37 -10.91
C GLY A 136 22.35 27.49 -10.01
N GLY A 137 21.50 28.51 -9.89
CA GLY A 137 21.82 29.66 -9.05
C GLY A 137 21.21 29.61 -7.67
N ARG A 138 21.49 30.63 -6.88
CA ARG A 138 21.00 30.75 -5.51
C ARG A 138 19.48 30.93 -5.43
N ARG A 139 18.91 30.42 -4.35
CA ARG A 139 17.47 30.56 -4.12
C ARG A 139 17.26 31.99 -3.63
N ASP A 140 16.20 32.64 -4.10
CA ASP A 140 15.93 34.02 -3.67
C ASP A 140 15.21 34.06 -2.33
N SER A 141 15.94 34.41 -1.28
CA SER A 141 15.36 34.50 0.05
C SER A 141 15.92 35.73 0.74
N ASN A 142 15.31 36.13 1.86
CA ASN A 142 15.79 37.30 2.58
C ASN A 142 17.27 37.16 2.91
N LEU A 143 17.72 35.93 3.13
CA LEU A 143 19.12 35.68 3.45
C LEU A 143 20.04 35.92 2.25
N GLN A 144 19.63 35.42 1.08
CA GLN A 144 20.41 35.60 -0.13
C GLN A 144 20.47 37.07 -0.52
N ARG A 145 19.43 37.82 -0.18
CA ARG A 145 19.38 39.25 -0.51
C ARG A 145 20.25 40.08 0.43
N THR A 146 20.76 39.46 1.49
CA THR A 146 21.63 40.18 2.41
C THR A 146 22.99 40.25 1.73
N GLY A 147 23.14 39.49 0.65
CA GLY A 147 24.40 39.45 -0.08
C GLY A 147 24.79 38.02 -0.40
N ASN A 148 25.27 37.81 -1.63
CA ASN A 148 25.69 36.49 -2.08
C ASN A 148 26.72 35.83 -1.17
N ASP A 149 27.43 36.64 -0.41
CA ASP A 149 28.48 36.14 0.48
C ASP A 149 27.92 35.63 1.82
N TRP A 150 26.60 35.56 1.96
CA TRP A 150 26.06 35.10 3.22
C TRP A 150 26.47 33.68 3.61
N ILE A 151 26.47 32.77 2.64
CA ILE A 151 26.86 31.40 2.92
C ILE A 151 28.28 31.36 3.49
N GLU A 152 29.19 32.05 2.81
CA GLU A 152 30.58 32.10 3.22
C GLU A 152 30.71 32.63 4.65
N VAL A 153 29.95 33.67 4.96
CA VAL A 153 29.96 34.28 6.29
C VAL A 153 29.48 33.29 7.34
N ALA A 154 28.39 32.59 7.05
CA ALA A 154 27.83 31.61 7.98
C ALA A 154 28.88 30.57 8.39
N PHE A 155 29.63 30.07 7.42
CA PHE A 155 30.66 29.07 7.70
C PHE A 155 31.83 29.60 8.50
N ARG A 156 32.30 30.81 8.17
CA ARG A 156 33.41 31.39 8.90
C ARG A 156 32.98 31.61 10.35
N THR A 157 31.74 32.05 10.52
CA THR A 157 31.21 32.29 11.86
C THR A 157 31.17 30.96 12.60
N ALA A 158 30.64 29.94 11.93
CA ALA A 158 30.51 28.61 12.52
C ALA A 158 31.85 28.02 12.95
N ARG A 159 32.86 28.16 12.10
CA ARG A 159 34.18 27.64 12.43
C ARG A 159 34.67 28.24 13.73
N ALA A 160 34.51 29.56 13.86
CA ALA A 160 34.95 30.27 15.05
C ALA A 160 34.16 29.86 16.28
N ALA A 161 32.85 29.70 16.11
CA ALA A 161 31.98 29.32 17.22
C ALA A 161 32.35 27.97 17.81
N ASP A 162 32.66 27.00 16.95
CA ASP A 162 33.04 25.67 17.41
C ASP A 162 33.94 25.00 16.39
N PRO A 163 35.26 25.19 16.52
CA PRO A 163 36.21 24.58 15.58
C PRO A 163 36.20 23.05 15.61
N ALA A 164 35.60 22.46 16.63
CA ALA A 164 35.54 21.01 16.77
C ALA A 164 34.47 20.33 15.94
N ALA A 165 33.46 21.07 15.50
CA ALA A 165 32.38 20.48 14.73
C ALA A 165 32.64 20.47 13.22
N LYS A 166 32.15 19.44 12.54
CA LYS A 166 32.30 19.36 11.09
C LYS A 166 31.18 20.22 10.53
N LEU A 167 31.55 21.18 9.70
CA LEU A 167 30.57 22.10 9.13
C LEU A 167 30.10 21.64 7.76
N CYS A 168 28.81 21.40 7.63
CA CYS A 168 28.21 20.94 6.38
C CYS A 168 27.28 21.92 5.70
N TYR A 169 27.19 21.80 4.38
CA TYR A 169 26.26 22.57 3.57
C TYR A 169 25.24 21.47 3.23
N ASN A 170 23.97 21.70 3.53
CA ASN A 170 22.94 20.69 3.31
C ASN A 170 21.89 21.12 2.29
N ASP A 171 21.54 20.22 1.37
CA ASP A 171 20.53 20.53 0.37
C ASP A 171 19.90 19.27 -0.23
N TYR A 172 18.80 19.47 -0.96
CA TYR A 172 18.11 18.36 -1.63
C TYR A 172 18.22 18.60 -3.13
N ASN A 173 17.89 17.58 -3.91
CA ASN A 173 17.96 17.66 -5.37
C ASN A 173 19.35 17.99 -5.88
N ILE A 174 20.37 17.59 -5.13
CA ILE A 174 21.76 17.80 -5.55
C ILE A 174 22.45 16.43 -5.62
N GLU A 175 21.65 15.38 -5.78
CA GLU A 175 22.16 14.02 -5.87
C GLU A 175 22.50 13.59 -7.30
N ASN A 176 21.66 13.97 -8.25
CA ASN A 176 21.89 13.61 -9.65
C ASN A 176 22.95 14.54 -10.21
N TRP A 177 24.08 13.96 -10.60
CA TRP A 177 25.20 14.73 -11.14
C TRP A 177 24.90 15.59 -12.35
N THR A 178 23.91 15.22 -13.14
CA THR A 178 23.58 15.99 -14.33
C THR A 178 22.72 17.23 -14.06
N TRP A 179 22.17 17.33 -12.86
CA TRP A 179 21.32 18.47 -12.52
C TRP A 179 22.09 19.77 -12.31
N ALA A 180 21.48 20.87 -12.74
CA ALA A 180 22.09 22.19 -12.63
C ALA A 180 22.28 22.56 -11.17
N LYS A 181 21.29 22.24 -10.34
CA LYS A 181 21.39 22.54 -8.92
C LYS A 181 22.65 21.90 -8.37
N THR A 182 22.86 20.63 -8.71
CA THR A 182 24.04 19.88 -8.25
C THR A 182 25.34 20.60 -8.61
N GLN A 183 25.50 20.97 -9.88
CA GLN A 183 26.71 21.65 -10.33
C GLN A 183 26.83 23.00 -9.64
N GLY A 184 25.69 23.63 -9.39
CA GLY A 184 25.70 24.91 -8.71
C GLY A 184 26.35 24.78 -7.35
N VAL A 185 25.98 23.72 -6.63
CA VAL A 185 26.55 23.50 -5.30
C VAL A 185 27.99 23.02 -5.43
N TYR A 186 28.25 22.16 -6.42
CA TYR A 186 29.59 21.67 -6.66
C TYR A 186 30.56 22.84 -6.87
N ASN A 187 30.19 23.77 -7.73
CA ASN A 187 31.04 24.92 -8.01
C ASN A 187 31.31 25.76 -6.76
N MET A 188 30.29 25.94 -5.93
CA MET A 188 30.46 26.73 -4.72
C MET A 188 31.47 26.09 -3.75
N VAL A 189 31.31 24.78 -3.51
CA VAL A 189 32.21 24.09 -2.59
C VAL A 189 33.64 24.08 -3.12
N ARG A 190 33.79 23.92 -4.43
CA ARG A 190 35.12 23.91 -5.04
C ARG A 190 35.76 25.29 -4.77
N ASP A 191 35.00 26.34 -5.04
CA ASP A 191 35.46 27.71 -4.83
C ASP A 191 35.86 27.89 -3.37
N PHE A 192 34.98 27.50 -2.46
CA PHE A 192 35.23 27.61 -1.03
C PHE A 192 36.56 26.98 -0.66
N LYS A 193 36.77 25.74 -1.13
CA LYS A 193 38.01 25.04 -0.84
C LYS A 193 39.22 25.77 -1.41
N GLN A 194 39.08 26.32 -2.61
CA GLN A 194 40.19 27.05 -3.24
C GLN A 194 40.52 28.34 -2.49
N ARG A 195 39.49 29.06 -2.07
CA ARG A 195 39.68 30.32 -1.35
C ARG A 195 39.87 30.12 0.14
N GLY A 196 39.84 28.87 0.59
CA GLY A 196 40.02 28.61 2.01
C GLY A 196 38.81 28.83 2.91
N VAL A 197 37.61 28.84 2.33
CA VAL A 197 36.40 29.03 3.14
C VAL A 197 36.22 27.76 3.98
N PRO A 198 36.08 27.91 5.30
CA PRO A 198 35.90 26.76 6.17
C PRO A 198 34.62 25.96 5.98
N ILE A 199 34.73 24.84 5.26
CA ILE A 199 33.61 23.94 5.04
C ILE A 199 34.24 22.55 5.03
N ASP A 200 33.68 21.65 5.82
CA ASP A 200 34.22 20.31 5.92
C ASP A 200 33.34 19.23 5.33
N CYS A 201 32.08 19.54 5.11
CA CYS A 201 31.17 18.53 4.60
C CYS A 201 29.99 19.02 3.80
N VAL A 202 29.47 18.14 2.96
CA VAL A 202 28.31 18.43 2.17
C VAL A 202 27.28 17.36 2.48
N GLY A 203 26.09 17.80 2.87
CA GLY A 203 25.03 16.87 3.20
C GLY A 203 24.05 16.71 2.06
N PHE A 204 23.82 15.47 1.67
CA PHE A 204 22.88 15.19 0.59
C PHE A 204 21.60 14.64 1.23
N GLN A 205 20.58 15.48 1.27
CA GLN A 205 19.31 15.10 1.89
C GLN A 205 18.82 13.76 1.39
N SER A 206 19.01 13.51 0.10
CA SER A 206 18.58 12.25 -0.50
C SER A 206 17.10 11.91 -0.32
N HIS A 207 16.23 12.84 -0.71
CA HIS A 207 14.79 12.59 -0.65
C HIS A 207 14.44 12.12 -2.07
N PHE A 208 14.29 10.82 -2.25
CA PHE A 208 13.98 10.27 -3.57
C PHE A 208 12.52 9.90 -3.77
N ASN A 209 11.99 10.25 -4.93
CA ASN A 209 10.61 9.95 -5.30
C ASN A 209 10.50 10.09 -6.83
N SER A 210 9.36 9.71 -7.41
CA SER A 210 9.21 9.80 -8.87
C SER A 210 9.49 11.21 -9.40
N GLY A 211 9.32 12.23 -8.56
CA GLY A 211 9.58 13.59 -8.99
C GLY A 211 11.07 13.82 -9.19
N SER A 212 11.87 13.31 -8.25
CA SER A 212 13.32 13.43 -8.33
C SER A 212 13.87 12.06 -7.94
N PRO A 213 13.87 11.12 -8.89
CA PRO A 213 14.32 9.74 -8.77
C PRO A 213 15.78 9.53 -8.45
N TYR A 214 16.08 8.42 -7.80
CA TYR A 214 17.46 8.08 -7.50
C TYR A 214 18.09 7.76 -8.83
N ASN A 215 19.38 8.06 -8.97
CA ASN A 215 20.09 7.75 -10.20
C ASN A 215 21.42 7.19 -9.76
N SER A 216 21.90 6.17 -10.45
CA SER A 216 23.17 5.55 -10.11
C SER A 216 24.31 6.57 -10.10
N ASN A 217 24.17 7.68 -10.82
CA ASN A 217 25.24 8.66 -10.83
C ASN A 217 25.36 9.38 -9.48
N PHE A 218 24.50 9.02 -8.53
CA PHE A 218 24.57 9.63 -7.21
C PHE A 218 25.95 9.34 -6.62
N ARG A 219 26.47 8.14 -6.89
CA ARG A 219 27.78 7.75 -6.39
C ARG A 219 28.84 8.68 -7.00
N THR A 220 28.68 8.96 -8.28
CA THR A 220 29.61 9.85 -8.98
C THR A 220 29.62 11.22 -8.28
N THR A 221 28.43 11.69 -7.93
CA THR A 221 28.30 12.96 -7.24
C THR A 221 29.09 12.94 -5.93
N LEU A 222 28.86 11.91 -5.12
CA LEU A 222 29.54 11.78 -3.84
C LEU A 222 31.06 11.74 -4.00
N GLN A 223 31.53 11.01 -5.00
CA GLN A 223 32.95 10.88 -5.27
C GLN A 223 33.56 12.20 -5.78
N ASN A 224 32.78 12.95 -6.56
CA ASN A 224 33.25 14.22 -7.08
C ASN A 224 33.41 15.22 -5.94
N PHE A 225 32.41 15.33 -5.08
CA PHE A 225 32.53 16.24 -3.95
C PHE A 225 33.66 15.77 -3.05
N ALA A 226 33.73 14.47 -2.82
CA ALA A 226 34.78 13.89 -1.98
C ALA A 226 36.17 14.30 -2.46
N ALA A 227 36.36 14.25 -3.77
CA ALA A 227 37.63 14.61 -4.37
C ALA A 227 38.03 16.05 -4.05
N LEU A 228 37.04 16.90 -3.81
CA LEU A 228 37.29 18.30 -3.49
C LEU A 228 37.95 18.46 -2.14
N GLY A 229 37.87 17.43 -1.31
CA GLY A 229 38.48 17.49 0.00
C GLY A 229 37.49 17.68 1.14
N VAL A 230 36.23 17.36 0.89
CA VAL A 230 35.22 17.49 1.92
C VAL A 230 34.57 16.14 2.16
N ASP A 231 34.07 15.93 3.37
CA ASP A 231 33.39 14.68 3.67
C ASP A 231 31.99 14.82 3.07
N VAL A 232 31.32 13.69 2.88
CA VAL A 232 29.97 13.72 2.36
C VAL A 232 29.11 12.88 3.27
N ALA A 233 27.85 13.26 3.40
CA ALA A 233 26.92 12.53 4.26
C ALA A 233 25.52 12.48 3.68
N ILE A 234 24.86 11.32 3.84
CA ILE A 234 23.49 11.14 3.39
C ILE A 234 22.71 11.59 4.64
N THR A 235 22.06 12.73 4.56
CA THR A 235 21.38 13.29 5.73
C THR A 235 19.89 13.09 6.00
N GLU A 236 19.08 12.94 4.95
CA GLU A 236 17.65 12.80 5.16
C GLU A 236 17.02 11.77 4.24
N LEU A 237 17.67 10.63 4.10
CA LEU A 237 17.19 9.59 3.21
C LEU A 237 15.82 8.99 3.47
N ASP A 238 15.01 8.99 2.42
CA ASP A 238 13.70 8.37 2.42
C ASP A 238 13.36 8.17 0.95
N ILE A 239 12.91 6.98 0.62
CA ILE A 239 12.62 6.63 -0.76
C ILE A 239 11.15 6.29 -0.91
N GLN A 240 10.47 7.00 -1.81
CA GLN A 240 9.06 6.78 -2.07
C GLN A 240 8.86 5.31 -2.43
N GLY A 241 8.08 4.60 -1.63
CA GLY A 241 7.84 3.19 -1.88
C GLY A 241 8.86 2.29 -1.20
N ALA A 242 9.90 2.90 -0.64
CA ALA A 242 10.96 2.17 0.06
C ALA A 242 11.49 0.95 -0.69
N SER A 243 11.83 1.15 -1.96
CA SER A 243 12.37 0.06 -2.78
C SER A 243 13.63 -0.54 -2.14
N SER A 244 13.66 -1.86 -2.06
CA SER A 244 14.78 -2.59 -1.50
C SER A 244 16.07 -2.34 -2.29
N SER A 245 15.95 -2.34 -3.62
CA SER A 245 17.10 -2.12 -4.49
C SER A 245 17.67 -0.71 -4.33
N THR A 246 16.78 0.29 -4.33
CA THR A 246 17.20 1.68 -4.19
C THR A 246 17.85 1.92 -2.84
N TYR A 247 17.23 1.40 -1.78
CA TYR A 247 17.79 1.56 -0.45
C TYR A 247 19.17 0.90 -0.39
N ALA A 248 19.30 -0.28 -1.00
CA ALA A 248 20.58 -0.98 -1.00
C ALA A 248 21.58 -0.25 -1.86
N ALA A 249 21.11 0.32 -2.97
CA ALA A 249 21.99 1.07 -3.88
C ALA A 249 22.58 2.28 -3.17
N VAL A 250 21.74 3.04 -2.47
CA VAL A 250 22.22 4.22 -1.74
C VAL A 250 23.25 3.82 -0.68
N THR A 251 22.95 2.73 0.04
CA THR A 251 23.85 2.26 1.08
C THR A 251 25.21 1.91 0.46
N ASN A 252 25.20 1.22 -0.68
CA ASN A 252 26.43 0.84 -1.33
C ASN A 252 27.17 2.05 -1.89
N ASP A 253 26.43 3.10 -2.23
CA ASP A 253 27.06 4.30 -2.76
C ASP A 253 27.94 4.92 -1.68
N CYS A 254 27.41 4.94 -0.45
CA CYS A 254 28.16 5.50 0.68
C CYS A 254 29.35 4.60 1.02
N LEU A 255 29.13 3.29 0.98
CA LEU A 255 30.20 2.32 1.27
C LEU A 255 31.30 2.39 0.22
N ALA A 256 30.94 2.80 -0.99
CA ALA A 256 31.91 2.89 -2.07
C ALA A 256 32.74 4.17 -2.02
N VAL A 257 32.36 5.09 -1.13
CA VAL A 257 33.06 6.36 -0.99
C VAL A 257 33.70 6.50 0.38
N SER A 258 35.03 6.42 0.41
CA SER A 258 35.79 6.51 1.65
C SER A 258 35.41 7.69 2.55
N ARG A 259 35.09 8.83 1.93
CA ARG A 259 34.72 10.05 2.67
C ARG A 259 33.26 10.11 3.12
N CYS A 260 32.45 9.14 2.71
CA CYS A 260 31.05 9.14 3.13
C CYS A 260 31.00 8.71 4.59
N LEU A 261 30.73 9.67 5.46
CA LEU A 261 30.68 9.44 6.91
C LEU A 261 29.60 8.47 7.38
N GLY A 262 28.43 8.54 6.75
CA GLY A 262 27.34 7.66 7.15
C GLY A 262 26.03 7.99 6.46
N ILE A 263 24.97 7.33 6.91
CA ILE A 263 23.64 7.51 6.34
C ILE A 263 22.61 7.78 7.42
N THR A 264 21.74 8.76 7.17
CA THR A 264 20.66 9.08 8.09
C THR A 264 19.36 8.97 7.30
N VAL A 265 18.37 8.25 7.85
CA VAL A 265 17.07 8.13 7.22
C VAL A 265 16.22 9.15 7.97
N TRP A 266 15.36 9.84 7.25
CA TRP A 266 14.53 10.88 7.86
C TRP A 266 13.29 10.36 8.60
N GLY A 267 13.52 9.63 9.68
CA GLY A 267 12.43 9.10 10.46
C GLY A 267 12.64 7.67 10.88
N VAL A 268 11.78 7.17 11.76
CA VAL A 268 11.88 5.80 12.25
C VAL A 268 10.91 4.88 11.54
N ARG A 269 9.61 5.06 11.78
CA ARG A 269 8.57 4.25 11.14
C ARG A 269 7.91 5.07 10.04
N ASP A 270 7.26 4.39 9.08
CA ASP A 270 6.60 5.12 8.00
C ASP A 270 5.59 6.12 8.56
N THR A 271 4.93 5.75 9.66
CA THR A 271 3.95 6.63 10.28
C THR A 271 4.54 7.88 10.95
N ASP A 272 5.86 7.90 11.13
CA ASP A 272 6.54 9.05 11.74
C ASP A 272 7.07 9.98 10.65
N SER A 273 6.98 9.54 9.40
CA SER A 273 7.50 10.29 8.26
C SER A 273 6.73 11.54 7.86
N TRP A 274 7.47 12.57 7.43
CA TRP A 274 6.87 13.80 6.96
C TRP A 274 6.18 13.49 5.64
N ARG A 275 6.48 12.31 5.10
CA ARG A 275 5.88 11.83 3.85
C ARG A 275 5.38 10.41 4.04
N SER A 276 4.68 10.18 5.14
CA SER A 276 4.12 8.87 5.49
C SER A 276 3.35 8.23 4.32
N GLY A 277 2.66 9.06 3.54
CA GLY A 277 1.90 8.57 2.41
C GLY A 277 2.76 7.81 1.41
N ASP A 278 4.05 8.10 1.40
CA ASP A 278 4.98 7.42 0.49
C ASP A 278 5.68 6.24 1.18
N THR A 279 5.22 5.86 2.38
CA THR A 279 5.82 4.76 3.15
C THR A 279 7.28 4.63 2.69
N PRO A 280 8.08 5.68 2.90
CA PRO A 280 9.48 5.73 2.50
C PRO A 280 10.57 5.32 3.49
N LEU A 281 10.20 4.79 4.65
CA LEU A 281 11.20 4.42 5.63
C LEU A 281 11.46 2.93 5.75
N LEU A 282 12.23 2.53 6.76
CA LEU A 282 12.61 1.13 6.94
C LEU A 282 11.74 0.29 7.87
N PHE A 283 10.88 0.94 8.65
CA PHE A 283 9.99 0.22 9.56
C PHE A 283 8.54 0.60 9.30
N ASN A 284 7.64 -0.37 9.40
CA ASN A 284 6.21 -0.13 9.22
C ASN A 284 5.65 0.55 10.45
N GLY A 285 4.43 1.06 10.36
CA GLY A 285 3.81 1.71 11.49
C GLY A 285 3.72 0.78 12.69
N ASP A 286 3.58 -0.52 12.46
CA ASP A 286 3.49 -1.45 13.56
C ASP A 286 4.87 -1.80 14.11
N GLY A 287 5.90 -1.14 13.58
CA GLY A 287 7.25 -1.37 14.05
C GLY A 287 8.00 -2.53 13.43
N SER A 288 7.35 -3.25 12.52
CA SER A 288 7.97 -4.39 11.85
C SER A 288 8.96 -3.97 10.78
N LYS A 289 10.04 -4.74 10.64
CA LYS A 289 11.07 -4.46 9.65
C LYS A 289 10.50 -4.69 8.25
N LYS A 290 10.81 -3.76 7.35
CA LYS A 290 10.35 -3.82 5.97
C LYS A 290 11.41 -4.51 5.11
N ALA A 291 11.02 -4.91 3.91
CA ALA A 291 11.94 -5.57 3.00
C ALA A 291 13.24 -4.78 2.87
N ALA A 292 13.11 -3.46 2.75
CA ALA A 292 14.29 -2.60 2.59
C ALA A 292 15.22 -2.62 3.79
N TYR A 293 14.68 -2.84 4.98
CA TYR A 293 15.54 -2.86 6.17
C TYR A 293 16.62 -3.92 6.01
N THR A 294 16.21 -5.13 5.64
CA THR A 294 17.14 -6.23 5.48
C THR A 294 18.11 -6.01 4.34
N ALA A 295 17.66 -5.30 3.30
CA ALA A 295 18.53 -5.01 2.17
C ALA A 295 19.65 -4.09 2.62
N VAL A 296 19.33 -3.12 3.47
CA VAL A 296 20.33 -2.18 3.96
C VAL A 296 21.34 -2.87 4.88
N LEU A 297 20.81 -3.64 5.84
CA LEU A 297 21.64 -4.37 6.79
C LEU A 297 22.61 -5.29 6.05
N ASN A 298 22.08 -6.00 5.06
CA ASN A 298 22.90 -6.91 4.27
C ASN A 298 23.98 -6.12 3.55
N ALA A 299 23.61 -4.99 2.97
CA ALA A 299 24.59 -4.15 2.28
C ALA A 299 25.66 -3.70 3.26
N LEU A 300 25.23 -3.18 4.42
CA LEU A 300 26.15 -2.71 5.44
C LEU A 300 27.08 -3.82 5.91
N ASN A 301 26.58 -5.05 5.96
CA ASN A 301 27.39 -6.19 6.39
C ASN A 301 28.25 -6.76 5.27
N GLY A 302 28.05 -6.28 4.05
CA GLY A 302 28.82 -6.77 2.92
C GLY A 302 27.97 -7.25 1.76
N GLY A 303 26.88 -7.95 2.07
CA GLY A 303 26.00 -8.45 1.03
C GLY A 303 25.97 -9.96 0.94
N SER A 304 25.60 -10.49 -0.22
CA SER A 304 25.53 -11.93 -0.42
C SER A 304 26.87 -12.47 -0.92
N SER A 305 27.12 -13.76 -0.67
CA SER A 305 28.36 -14.39 -1.10
C SER A 305 28.52 -14.30 -2.61
N THR A 306 27.40 -14.39 -3.32
CA THR A 306 27.41 -14.32 -4.78
C THR A 306 26.36 -13.32 -5.27
N PRO A 307 26.62 -12.67 -6.42
CA PRO A 307 25.69 -11.69 -6.99
C PRO A 307 24.25 -12.22 -7.09
N PRO A 308 23.34 -11.69 -6.24
CA PRO A 308 21.92 -12.09 -6.20
C PRO A 308 21.23 -12.12 -7.57
N PRO A 309 20.33 -13.10 -7.78
CA PRO A 309 19.59 -13.27 -9.04
C PRO A 309 18.76 -12.02 -9.38
N SER A 310 19.12 -11.37 -10.47
CA SER A 310 18.41 -10.17 -10.90
C SER A 310 17.08 -10.53 -11.57
N GLY A 311 16.10 -10.91 -10.75
CA GLY A 311 14.80 -11.26 -11.28
C GLY A 311 14.76 -12.57 -12.04
N GLY A 312 14.01 -13.54 -11.49
CA GLY A 312 13.89 -14.83 -12.14
C GLY A 312 14.96 -15.81 -11.69
N GLY A 313 14.59 -16.75 -10.82
CA GLY A 313 15.54 -17.73 -10.36
C GLY A 313 14.93 -18.74 -9.40
N GLN A 314 15.65 -19.84 -9.19
CA GLN A 314 15.16 -20.87 -8.29
C GLN A 314 15.56 -20.52 -6.85
N ILE A 315 14.84 -21.09 -5.90
CA ILE A 315 15.10 -20.89 -4.48
C ILE A 315 15.19 -22.31 -3.95
N LYS A 316 16.41 -22.75 -3.67
CA LYS A 316 16.65 -24.11 -3.21
C LYS A 316 16.87 -24.22 -1.70
N GLY A 317 16.15 -25.15 -1.08
CA GLY A 317 16.28 -25.36 0.35
C GLY A 317 17.61 -26.05 0.64
N VAL A 318 18.35 -25.51 1.60
CA VAL A 318 19.64 -26.06 1.98
C VAL A 318 19.54 -27.48 2.51
N GLY A 319 18.64 -27.70 3.45
CA GLY A 319 18.49 -29.02 4.03
C GLY A 319 18.02 -30.10 3.09
N SER A 320 17.10 -29.76 2.19
CA SER A 320 16.55 -30.73 1.25
C SER A 320 17.24 -30.80 -0.11
N GLY A 321 17.84 -29.69 -0.52
CA GLY A 321 18.47 -29.68 -1.84
C GLY A 321 17.41 -29.58 -2.92
N ARG A 322 16.16 -29.36 -2.52
CA ARG A 322 15.05 -29.22 -3.47
C ARG A 322 14.57 -27.77 -3.57
N CYS A 323 13.91 -27.44 -4.68
CA CYS A 323 13.44 -26.08 -4.94
C CYS A 323 12.00 -25.72 -4.57
N LEU A 324 11.77 -24.43 -4.34
CA LEU A 324 10.45 -23.91 -4.01
C LEU A 324 9.65 -24.09 -5.29
N ASP A 325 8.58 -24.89 -5.21
CA ASP A 325 7.79 -25.25 -6.38
C ASP A 325 6.28 -25.07 -6.20
N VAL A 326 5.62 -24.55 -7.24
CA VAL A 326 4.17 -24.39 -7.20
C VAL A 326 3.60 -25.66 -7.85
N PRO A 327 2.94 -26.51 -7.05
CA PRO A 327 2.35 -27.77 -7.51
C PRO A 327 1.71 -27.74 -8.88
N ASN A 328 2.22 -28.59 -9.77
CA ASN A 328 1.70 -28.74 -11.12
C ASN A 328 1.58 -27.44 -11.90
N ALA A 329 2.43 -26.48 -11.61
CA ALA A 329 2.40 -25.21 -12.31
C ALA A 329 1.03 -24.57 -12.20
N SER A 330 0.31 -24.88 -11.13
CA SER A 330 -1.01 -24.30 -10.91
C SER A 330 -0.93 -22.78 -10.77
N THR A 331 -1.99 -22.09 -11.18
CA THR A 331 -2.05 -20.64 -11.08
C THR A 331 -3.27 -20.30 -10.23
N THR A 332 -3.81 -21.29 -9.54
CA THR A 332 -4.97 -21.07 -8.69
C THR A 332 -4.59 -20.45 -7.35
N ASP A 333 -5.14 -19.28 -7.06
CA ASP A 333 -4.87 -18.60 -5.80
C ASP A 333 -5.19 -19.59 -4.68
N GLY A 334 -4.37 -19.60 -3.64
CA GLY A 334 -4.62 -20.51 -2.53
C GLY A 334 -3.85 -21.83 -2.63
N THR A 335 -3.12 -22.02 -3.73
CA THR A 335 -2.36 -23.26 -3.89
C THR A 335 -1.12 -23.16 -3.02
N GLN A 336 -0.98 -24.06 -2.06
CA GLN A 336 0.18 -24.06 -1.16
C GLN A 336 1.42 -24.57 -1.89
N VAL A 337 2.55 -23.88 -1.69
CA VAL A 337 3.80 -24.27 -2.35
C VAL A 337 4.48 -25.44 -1.66
N GLN A 338 5.42 -26.06 -2.38
CA GLN A 338 6.13 -27.23 -1.88
C GLN A 338 7.58 -27.27 -2.32
N LEU A 339 8.27 -28.31 -1.87
CA LEU A 339 9.65 -28.55 -2.24
C LEU A 339 9.59 -29.60 -3.37
N TYR A 340 10.49 -29.48 -4.34
CA TYR A 340 10.51 -30.44 -5.43
C TYR A 340 11.83 -30.40 -6.15
N ASP A 341 12.23 -31.54 -6.72
CA ASP A 341 13.48 -31.63 -7.45
C ASP A 341 13.58 -30.41 -8.37
N CYS A 342 14.69 -29.70 -8.28
CA CYS A 342 14.88 -28.50 -9.09
C CYS A 342 14.96 -28.76 -10.59
N HIS A 343 14.28 -27.93 -11.36
CA HIS A 343 14.29 -28.03 -12.82
C HIS A 343 13.82 -26.73 -13.45
N SER A 344 14.20 -26.51 -14.71
CA SER A 344 13.84 -25.31 -15.43
C SER A 344 12.38 -25.28 -15.86
N ALA A 345 11.53 -24.72 -15.00
CA ALA A 345 10.12 -24.59 -15.26
C ALA A 345 9.67 -23.30 -14.59
N THR A 346 8.67 -22.64 -15.17
CA THR A 346 8.20 -21.38 -14.61
C THR A 346 7.67 -21.52 -13.18
N ASN A 347 7.13 -22.68 -12.84
CA ASN A 347 6.59 -22.89 -11.50
C ASN A 347 7.70 -23.00 -10.45
N GLN A 348 8.93 -22.68 -10.84
CA GLN A 348 10.06 -22.71 -9.92
C GLN A 348 10.92 -21.46 -10.10
N GLN A 349 10.47 -20.55 -10.96
CA GLN A 349 11.21 -19.31 -11.20
C GLN A 349 10.59 -18.17 -10.40
N TRP A 350 11.27 -17.77 -9.33
CA TRP A 350 10.79 -16.71 -8.45
C TRP A 350 11.58 -15.43 -8.63
N THR A 351 10.85 -14.31 -8.68
CA THR A 351 11.49 -13.01 -8.82
C THR A 351 11.27 -12.14 -7.58
N TYR A 352 12.37 -11.73 -6.96
CA TYR A 352 12.28 -10.87 -5.78
C TYR A 352 12.15 -9.44 -6.30
N THR A 353 11.03 -8.80 -6.04
CA THR A 353 10.80 -7.44 -6.51
C THR A 353 11.34 -6.40 -5.52
N ASP A 354 11.56 -5.19 -6.01
CA ASP A 354 12.08 -4.12 -5.15
C ASP A 354 11.18 -3.91 -3.94
N ALA A 355 9.90 -4.22 -4.10
CA ALA A 355 8.94 -4.06 -3.01
C ALA A 355 8.98 -5.22 -2.02
N GLY A 356 9.79 -6.24 -2.29
CA GLY A 356 9.89 -7.36 -1.39
C GLY A 356 8.99 -8.56 -1.66
N GLU A 357 8.32 -8.57 -2.80
CA GLU A 357 7.46 -9.69 -3.14
C GLU A 357 8.28 -10.79 -3.82
N LEU A 358 7.76 -12.00 -3.79
CA LEU A 358 8.41 -13.12 -4.45
C LEU A 358 7.39 -13.54 -5.49
N ARG A 359 7.61 -13.07 -6.71
CA ARG A 359 6.68 -13.34 -7.81
C ARG A 359 6.99 -14.56 -8.67
N VAL A 360 5.91 -15.18 -9.13
CA VAL A 360 5.99 -16.36 -10.00
C VAL A 360 4.92 -16.18 -11.07
N TYR A 361 5.24 -16.59 -12.29
CA TYR A 361 4.32 -16.48 -13.42
C TYR A 361 4.15 -15.02 -13.85
N GLY A 362 4.77 -14.11 -13.12
CA GLY A 362 4.65 -12.71 -13.48
C GLY A 362 3.73 -11.91 -12.59
N ASP A 363 2.52 -12.41 -12.32
CA ASP A 363 1.60 -11.68 -11.47
C ASP A 363 1.03 -12.49 -10.30
N LYS A 364 1.78 -13.50 -9.87
CA LYS A 364 1.37 -14.32 -8.74
C LYS A 364 2.42 -14.07 -7.65
N CYS A 365 2.00 -13.99 -6.40
CA CYS A 365 2.90 -13.70 -5.30
C CYS A 365 2.97 -14.73 -4.18
N LEU A 366 4.16 -14.95 -3.64
CA LEU A 366 4.30 -15.88 -2.52
C LEU A 366 3.46 -15.19 -1.45
N ASP A 367 2.51 -15.92 -0.89
CA ASP A 367 1.55 -15.35 0.05
C ASP A 367 1.35 -16.17 1.32
N ALA A 368 1.20 -15.47 2.45
CA ALA A 368 0.96 -16.13 3.73
C ALA A 368 -0.45 -15.79 4.16
N ALA A 369 -1.22 -16.80 4.53
CA ALA A 369 -2.61 -16.61 4.96
C ALA A 369 -2.74 -15.88 6.29
N GLY A 370 -2.08 -16.40 7.32
CA GLY A 370 -2.15 -15.79 8.63
C GLY A 370 -0.80 -15.32 9.16
N THR A 371 -0.69 -15.21 10.48
CA THR A 371 0.56 -14.76 11.10
C THR A 371 1.16 -15.74 12.10
N GLY A 372 0.48 -16.83 12.39
CA GLY A 372 1.00 -17.78 13.36
C GLY A 372 1.75 -18.97 12.77
N ASN A 373 2.44 -19.72 13.64
CA ASN A 373 3.19 -20.89 13.20
C ASN A 373 2.22 -21.84 12.53
N GLY A 374 2.67 -22.50 11.46
CA GLY A 374 1.79 -23.42 10.76
C GLY A 374 1.00 -22.77 9.66
N THR A 375 1.07 -21.44 9.57
CA THR A 375 0.37 -20.71 8.52
C THR A 375 0.86 -21.23 7.18
N LYS A 376 -0.06 -21.54 6.29
CA LYS A 376 0.31 -22.04 4.98
C LYS A 376 0.91 -20.94 4.09
N VAL A 377 1.94 -21.29 3.33
CA VAL A 377 2.57 -20.36 2.41
C VAL A 377 2.06 -20.82 1.05
N GLN A 378 1.46 -19.90 0.31
CA GLN A 378 0.86 -20.23 -0.98
C GLN A 378 1.08 -19.13 -2.01
N ILE A 379 0.37 -19.24 -3.13
CA ILE A 379 0.42 -18.21 -4.15
C ILE A 379 -0.94 -17.52 -4.13
N TYR A 380 -0.95 -16.23 -4.43
CA TYR A 380 -2.17 -15.44 -4.46
C TYR A 380 -1.90 -14.23 -5.35
N SER A 381 -2.93 -13.69 -5.97
CA SER A 381 -2.77 -12.52 -6.84
C SER A 381 -1.94 -11.47 -6.09
N CYS A 382 -1.02 -10.84 -6.79
CA CYS A 382 -0.16 -9.82 -6.21
C CYS A 382 -0.89 -8.51 -5.96
N TRP A 383 -0.78 -7.98 -4.74
CA TRP A 383 -1.41 -6.70 -4.41
C TRP A 383 -0.53 -5.88 -3.49
N GLY A 384 0.54 -6.50 -2.97
CA GLY A 384 1.45 -5.76 -2.11
C GLY A 384 1.16 -5.70 -0.62
N GLY A 385 0.37 -6.62 -0.09
CA GLY A 385 0.10 -6.61 1.33
C GLY A 385 1.39 -7.08 2.03
N ASP A 386 1.53 -6.78 3.31
CA ASP A 386 2.74 -7.18 4.04
C ASP A 386 2.90 -8.69 4.19
N ASN A 387 1.82 -9.42 3.94
CA ASN A 387 1.84 -10.87 4.02
C ASN A 387 2.34 -11.43 2.68
N GLN A 388 2.71 -10.52 1.78
CA GLN A 388 3.25 -10.88 0.46
C GLN A 388 4.64 -10.26 0.30
N LYS A 389 5.18 -9.72 1.39
CA LYS A 389 6.51 -9.11 1.34
C LYS A 389 7.45 -9.91 2.22
N TRP A 390 8.68 -10.09 1.76
CA TRP A 390 9.66 -10.88 2.48
C TRP A 390 11.05 -10.28 2.58
N ARG A 391 11.76 -10.63 3.64
CA ARG A 391 13.12 -10.16 3.87
C ARG A 391 14.07 -11.33 3.64
N LEU A 392 15.10 -11.11 2.83
CA LEU A 392 16.07 -12.15 2.53
C LEU A 392 17.26 -12.00 3.48
N ASN A 393 17.20 -12.68 4.62
CA ASN A 393 18.27 -12.59 5.60
C ASN A 393 19.57 -13.17 5.07
N SER A 394 20.68 -12.61 5.51
CA SER A 394 21.99 -13.06 5.07
C SER A 394 22.31 -14.48 5.52
N ASP A 395 21.53 -15.01 6.45
CA ASP A 395 21.78 -16.37 6.92
C ASP A 395 21.07 -17.39 6.04
N GLY A 396 20.37 -16.90 5.02
CA GLY A 396 19.66 -17.79 4.11
C GLY A 396 18.18 -17.91 4.39
N SER A 397 17.73 -17.44 5.55
CA SER A 397 16.31 -17.53 5.87
C SER A 397 15.52 -16.42 5.17
N ILE A 398 14.25 -16.68 4.97
CA ILE A 398 13.36 -15.74 4.31
C ILE A 398 12.23 -15.45 5.30
N VAL A 399 12.13 -14.20 5.72
CA VAL A 399 11.12 -13.83 6.71
C VAL A 399 9.97 -13.00 6.17
N GLY A 400 8.77 -13.35 6.61
CA GLY A 400 7.59 -12.62 6.18
C GLY A 400 7.57 -11.30 6.93
N VAL A 401 7.39 -10.21 6.20
CA VAL A 401 7.36 -8.90 6.81
C VAL A 401 6.26 -8.78 7.87
N GLN A 402 5.04 -9.16 7.50
CA GLN A 402 3.91 -9.06 8.40
C GLN A 402 3.96 -9.99 9.62
N SER A 403 4.30 -11.26 9.39
CA SER A 403 4.36 -12.24 10.48
C SER A 403 5.66 -12.24 11.27
N GLY A 404 6.77 -11.94 10.60
CA GLY A 404 8.03 -11.96 11.29
C GLY A 404 8.46 -13.42 11.43
N LEU A 405 7.79 -14.29 10.68
CA LEU A 405 8.11 -15.72 10.71
C LEU A 405 8.90 -16.14 9.46
N CYS A 406 9.58 -17.28 9.57
CA CYS A 406 10.41 -17.81 8.48
C CYS A 406 9.72 -18.85 7.59
N LEU A 407 10.15 -18.92 6.33
CA LEU A 407 9.63 -19.93 5.42
C LEU A 407 10.18 -21.22 6.03
N ASP A 408 9.31 -22.20 6.19
CA ASP A 408 9.70 -23.45 6.85
C ASP A 408 9.14 -24.68 6.17
N ALA A 409 10.01 -25.63 5.80
CA ALA A 409 9.58 -26.87 5.19
C ALA A 409 9.03 -27.72 6.34
N VAL A 410 7.72 -27.96 6.31
CA VAL A 410 7.02 -28.71 7.35
C VAL A 410 7.71 -29.98 7.85
N GLY A 411 7.77 -30.11 9.17
CA GLY A 411 8.39 -31.26 9.79
C GLY A 411 9.80 -31.51 9.34
N GLY A 412 10.47 -30.47 8.85
CA GLY A 412 11.83 -30.64 8.38
C GLY A 412 11.89 -31.59 7.19
N GLY A 413 10.76 -31.76 6.52
CA GLY A 413 10.71 -32.65 5.37
C GLY A 413 11.69 -32.26 4.29
N THR A 414 12.18 -33.25 3.55
CA THR A 414 13.15 -33.02 2.48
C THR A 414 12.68 -33.65 1.18
N ALA A 415 11.69 -34.52 1.27
CA ALA A 415 11.18 -35.21 0.10
C ALA A 415 10.30 -34.35 -0.80
N ASN A 416 10.12 -34.77 -2.05
CA ASN A 416 9.26 -34.05 -2.96
C ASN A 416 7.88 -34.00 -2.30
N GLY A 417 7.16 -32.90 -2.48
CA GLY A 417 5.84 -32.79 -1.89
C GLY A 417 5.80 -32.15 -0.51
N THR A 418 6.96 -31.95 0.12
CA THR A 418 7.01 -31.33 1.44
C THR A 418 6.38 -29.94 1.29
N LEU A 419 5.40 -29.63 2.13
CA LEU A 419 4.71 -28.35 2.07
C LEU A 419 5.45 -27.25 2.81
N ILE A 420 5.20 -26.01 2.41
CA ILE A 420 5.86 -24.87 3.03
C ILE A 420 4.92 -24.09 3.92
N GLN A 421 5.39 -23.81 5.13
CA GLN A 421 4.61 -23.08 6.12
C GLN A 421 5.44 -21.96 6.73
N LEU A 422 4.80 -21.15 7.57
CA LEU A 422 5.48 -20.08 8.28
C LEU A 422 5.78 -20.68 9.64
N TYR A 423 6.91 -20.33 10.23
CA TYR A 423 7.23 -20.86 11.55
C TYR A 423 8.32 -20.02 12.19
N SER A 424 8.34 -19.98 13.53
CA SER A 424 9.34 -19.22 14.25
C SER A 424 10.71 -19.54 13.67
N CYS A 425 11.48 -18.50 13.37
CA CYS A 425 12.80 -18.69 12.80
C CYS A 425 13.67 -19.49 13.76
N SER A 426 14.33 -20.51 13.24
CA SER A 426 15.14 -21.39 14.08
C SER A 426 16.54 -21.64 13.57
N ASN A 427 16.87 -21.13 12.40
CA ASN A 427 18.19 -21.35 11.81
C ASN A 427 18.35 -22.83 11.42
N GLY A 428 17.23 -23.53 11.35
CA GLY A 428 17.25 -24.92 10.96
C GLY A 428 17.53 -25.00 9.47
N SER A 429 18.02 -26.14 8.98
CA SER A 429 18.33 -26.27 7.56
C SER A 429 17.08 -26.26 6.69
N ASN A 430 15.92 -26.48 7.31
CA ASN A 430 14.65 -26.49 6.60
C ASN A 430 14.10 -25.06 6.52
N GLN A 431 14.89 -24.10 7.01
CA GLN A 431 14.50 -22.69 6.98
C GLN A 431 15.57 -21.88 6.25
N ARG A 432 16.54 -22.56 5.64
CA ARG A 432 17.62 -21.89 4.92
C ARG A 432 17.46 -22.12 3.42
N TRP A 433 17.72 -21.09 2.63
CA TRP A 433 17.58 -21.20 1.18
C TRP A 433 18.74 -20.56 0.43
N THR A 434 18.97 -21.00 -0.80
CA THR A 434 20.02 -20.43 -1.63
C THR A 434 19.44 -19.98 -2.94
N ARG A 435 19.75 -18.74 -3.31
CA ARG A 435 19.28 -18.16 -4.56
C ARG A 435 20.18 -18.68 -5.66
N THR A 436 19.71 -19.67 -6.41
CA THR A 436 20.48 -20.26 -7.47
C THR A 436 19.71 -20.29 -8.80
N ALA B 1 -28.26 2.50 -19.37
CA ALA B 1 -26.92 3.14 -19.31
C ALA B 1 -25.83 2.10 -19.05
N GLU B 2 -24.59 2.45 -19.37
CA GLU B 2 -23.47 1.55 -19.18
C GLU B 2 -22.25 2.29 -18.66
N SER B 3 -22.46 3.43 -18.01
CA SER B 3 -21.37 4.23 -17.46
C SER B 3 -21.26 4.13 -15.94
N THR B 4 -22.26 3.54 -15.30
CA THR B 4 -22.24 3.35 -13.85
C THR B 4 -22.58 1.88 -13.57
N LEU B 5 -22.09 1.35 -12.46
CA LEU B 5 -22.32 -0.04 -12.11
C LEU B 5 -23.80 -0.42 -12.07
N GLY B 6 -24.59 0.35 -11.35
CA GLY B 6 -26.02 0.06 -11.24
C GLY B 6 -26.66 -0.07 -12.60
N ALA B 7 -26.56 0.98 -13.41
CA ALA B 7 -27.14 1.01 -14.75
C ALA B 7 -26.61 -0.12 -15.63
N ALA B 8 -25.30 -0.37 -15.55
CA ALA B 8 -24.69 -1.43 -16.33
C ALA B 8 -25.30 -2.77 -15.92
N ALA B 9 -25.37 -3.01 -14.61
CA ALA B 9 -25.95 -4.26 -14.10
C ALA B 9 -27.40 -4.39 -14.56
N ALA B 10 -28.10 -3.27 -14.60
CA ALA B 10 -29.51 -3.24 -15.02
C ALA B 10 -29.69 -3.78 -16.44
N GLN B 11 -28.63 -3.74 -17.24
CA GLN B 11 -28.70 -4.23 -18.61
C GLN B 11 -28.86 -5.75 -18.67
N SER B 12 -28.57 -6.44 -17.59
CA SER B 12 -28.73 -7.89 -17.56
C SER B 12 -29.86 -8.22 -16.60
N GLY B 13 -30.65 -7.19 -16.27
CA GLY B 13 -31.77 -7.36 -15.36
C GLY B 13 -31.33 -7.51 -13.91
N ARG B 14 -30.11 -7.08 -13.61
CA ARG B 14 -29.58 -7.20 -12.26
C ARG B 14 -29.30 -5.84 -11.63
N TYR B 15 -29.01 -5.86 -10.33
CA TYR B 15 -28.70 -4.65 -9.60
C TYR B 15 -27.26 -4.70 -9.13
N PHE B 16 -26.72 -3.54 -8.75
CA PHE B 16 -25.39 -3.47 -8.21
C PHE B 16 -25.47 -2.49 -7.04
N GLY B 17 -25.20 -2.99 -5.84
CA GLY B 17 -25.30 -2.14 -4.68
C GLY B 17 -24.07 -2.08 -3.79
N THR B 18 -24.22 -1.35 -2.68
CA THR B 18 -23.15 -1.20 -1.71
C THR B 18 -23.76 -1.20 -0.32
N ALA B 19 -22.88 -1.08 0.67
CA ALA B 19 -23.28 -1.02 2.06
C ALA B 19 -23.10 0.43 2.50
N ILE B 20 -24.16 1.04 3.02
CA ILE B 20 -24.10 2.43 3.44
C ILE B 20 -23.99 2.57 4.96
N ALA B 21 -23.08 3.43 5.40
CA ALA B 21 -22.89 3.71 6.82
C ALA B 21 -23.52 5.08 7.01
N SER B 22 -24.51 5.18 7.90
CA SER B 22 -25.19 6.45 8.12
C SER B 22 -24.25 7.58 8.54
N GLY B 23 -23.23 7.25 9.33
CA GLY B 23 -22.30 8.28 9.78
C GLY B 23 -21.46 8.88 8.68
N LYS B 24 -21.52 8.31 7.49
CA LYS B 24 -20.74 8.81 6.37
C LYS B 24 -21.58 9.60 5.37
N LEU B 25 -22.89 9.57 5.54
CA LEU B 25 -23.80 10.26 4.61
C LEU B 25 -23.63 11.77 4.59
N GLY B 26 -22.93 12.31 5.57
CA GLY B 26 -22.70 13.75 5.60
C GLY B 26 -21.45 14.12 4.81
N ASP B 27 -20.78 13.10 4.27
CA ASP B 27 -19.56 13.28 3.50
C ASP B 27 -19.94 13.33 2.02
N SER B 28 -19.87 14.51 1.42
CA SER B 28 -20.23 14.70 0.01
C SER B 28 -19.49 13.78 -0.97
N ALA B 29 -18.20 13.57 -0.74
CA ALA B 29 -17.44 12.71 -1.64
C ALA B 29 -18.01 11.30 -1.60
N TYR B 30 -18.41 10.87 -0.41
CA TYR B 30 -18.98 9.55 -0.19
C TYR B 30 -20.34 9.40 -0.87
N THR B 31 -21.24 10.34 -0.62
CA THR B 31 -22.58 10.29 -1.22
C THR B 31 -22.53 10.50 -2.73
N THR B 32 -21.61 11.32 -3.22
CA THR B 32 -21.53 11.53 -4.66
C THR B 32 -21.28 10.21 -5.37
N ILE B 33 -20.37 9.41 -4.85
CA ILE B 33 -20.06 8.11 -5.44
C ILE B 33 -21.21 7.11 -5.24
N ALA B 34 -21.66 6.97 -3.99
CA ALA B 34 -22.73 6.02 -3.67
C ALA B 34 -24.03 6.24 -4.43
N SER B 35 -24.45 7.50 -4.53
CA SER B 35 -25.69 7.81 -5.23
C SER B 35 -25.60 7.57 -6.74
N ARG B 36 -24.42 7.85 -7.29
CA ARG B 36 -24.18 7.70 -8.73
C ARG B 36 -24.03 6.26 -9.23
N GLU B 37 -23.27 5.46 -8.47
CA GLU B 37 -22.96 4.10 -8.86
C GLU B 37 -23.87 2.93 -8.48
N PHE B 38 -24.61 3.04 -7.39
CA PHE B 38 -25.43 1.92 -6.95
C PHE B 38 -26.93 2.14 -6.95
N ASN B 39 -27.68 1.06 -7.21
CA ASN B 39 -29.14 1.11 -7.22
C ASN B 39 -29.73 0.17 -6.17
N MET B 40 -28.88 -0.32 -5.27
CA MET B 40 -29.31 -1.20 -4.18
C MET B 40 -28.49 -0.80 -2.96
N VAL B 41 -29.11 -0.80 -1.78
CA VAL B 41 -28.41 -0.40 -0.57
C VAL B 41 -28.66 -1.32 0.62
N THR B 42 -27.59 -1.61 1.34
CA THR B 42 -27.67 -2.43 2.56
C THR B 42 -27.14 -1.53 3.67
N ALA B 43 -27.80 -1.52 4.83
CA ALA B 43 -27.32 -0.72 5.96
C ALA B 43 -26.16 -1.52 6.52
N GLU B 44 -24.97 -0.94 6.57
CA GLU B 44 -23.82 -1.67 7.09
C GLU B 44 -23.95 -2.17 8.53
N ASN B 45 -24.69 -1.44 9.37
CA ASN B 45 -24.86 -1.83 10.78
C ASN B 45 -26.19 -1.38 11.39
N GLU B 46 -26.81 -0.38 10.79
CA GLU B 46 -28.04 0.23 11.29
C GLU B 46 -29.31 -0.60 11.44
N MET B 47 -29.38 -1.75 10.78
CA MET B 47 -30.57 -2.58 10.89
C MET B 47 -30.25 -3.89 11.59
N LYS B 48 -29.09 -3.94 12.24
CA LYS B 48 -28.71 -5.14 12.95
C LYS B 48 -29.48 -5.22 14.26
N ILE B 49 -29.34 -6.34 14.97
CA ILE B 49 -30.08 -6.56 16.21
C ILE B 49 -29.86 -5.51 17.29
N ASP B 50 -28.61 -5.30 17.68
CA ASP B 50 -28.31 -4.34 18.73
C ASP B 50 -28.79 -2.93 18.39
N ALA B 51 -28.74 -2.57 17.11
CA ALA B 51 -29.16 -1.24 16.68
C ALA B 51 -30.68 -1.05 16.60
N THR B 52 -31.43 -2.11 16.29
CA THR B 52 -32.88 -1.99 16.18
C THR B 52 -33.68 -2.33 17.44
N GLU B 53 -33.07 -3.05 18.36
CA GLU B 53 -33.74 -3.39 19.61
C GLU B 53 -32.71 -3.36 20.74
N PRO B 54 -32.30 -2.13 21.13
CA PRO B 54 -31.31 -1.80 22.17
C PRO B 54 -31.62 -2.43 23.52
N GLN B 55 -32.89 -2.43 23.89
CA GLN B 55 -33.34 -3.02 25.14
C GLN B 55 -34.48 -3.94 24.74
N ARG B 56 -34.65 -5.05 25.48
CA ARG B 56 -35.69 -6.02 25.15
C ARG B 56 -37.11 -5.44 25.07
N GLY B 57 -37.72 -5.53 23.89
CA GLY B 57 -39.07 -5.03 23.70
C GLY B 57 -39.08 -3.56 23.30
N GLN B 58 -37.89 -2.96 23.27
CA GLN B 58 -37.77 -1.54 22.93
C GLN B 58 -37.06 -1.39 21.59
N PHE B 59 -37.84 -1.21 20.53
CA PHE B 59 -37.30 -1.06 19.19
C PHE B 59 -36.90 0.36 18.85
N ASN B 60 -35.84 0.51 18.06
CA ASN B 60 -35.33 1.81 17.68
C ASN B 60 -34.92 1.79 16.20
N PHE B 61 -35.60 2.60 15.38
CA PHE B 61 -35.32 2.60 13.95
C PHE B 61 -34.73 3.89 13.39
N SER B 62 -34.29 4.79 14.26
CA SER B 62 -33.75 6.06 13.79
C SER B 62 -32.51 5.88 12.89
N ALA B 63 -31.56 5.06 13.32
CA ALA B 63 -30.35 4.81 12.53
C ALA B 63 -30.68 4.08 11.23
N GLY B 64 -31.57 3.11 11.32
CA GLY B 64 -31.95 2.35 10.15
C GLY B 64 -32.67 3.23 9.13
N ASP B 65 -33.56 4.06 9.62
CA ASP B 65 -34.33 4.94 8.76
C ASP B 65 -33.46 5.99 8.07
N ARG B 66 -32.35 6.39 8.68
CA ARG B 66 -31.47 7.36 8.05
C ARG B 66 -30.91 6.72 6.78
N VAL B 67 -30.54 5.45 6.88
CA VAL B 67 -30.01 4.72 5.73
C VAL B 67 -31.15 4.51 4.72
N TYR B 68 -32.26 3.96 5.20
CA TYR B 68 -33.42 3.70 4.35
C TYR B 68 -33.86 4.95 3.60
N ASN B 69 -34.07 6.05 4.33
CA ASN B 69 -34.51 7.30 3.73
C ASN B 69 -33.60 7.75 2.60
N TRP B 70 -32.30 7.65 2.82
CA TRP B 70 -31.33 8.06 1.82
C TRP B 70 -31.44 7.17 0.57
N ALA B 71 -31.60 5.87 0.80
CA ALA B 71 -31.71 4.93 -0.30
C ALA B 71 -32.88 5.24 -1.25
N VAL B 72 -34.09 5.25 -0.72
CA VAL B 72 -35.27 5.53 -1.55
C VAL B 72 -35.25 6.93 -2.15
N GLN B 73 -34.71 7.90 -1.40
CA GLN B 73 -34.60 9.27 -1.86
C GLN B 73 -33.72 9.33 -3.10
N ASN B 74 -32.81 8.37 -3.23
CA ASN B 74 -31.91 8.33 -4.37
C ASN B 74 -32.19 7.16 -5.31
N GLY B 75 -33.46 6.76 -5.36
CA GLY B 75 -33.90 5.69 -6.23
C GLY B 75 -33.28 4.31 -6.04
N LYS B 76 -32.85 3.98 -4.83
CA LYS B 76 -32.26 2.66 -4.59
C LYS B 76 -33.21 1.75 -3.83
N GLN B 77 -33.08 0.45 -4.07
CA GLN B 77 -33.87 -0.55 -3.36
C GLN B 77 -33.06 -0.87 -2.11
N VAL B 78 -33.65 -1.59 -1.17
CA VAL B 78 -32.94 -1.91 0.07
C VAL B 78 -32.95 -3.38 0.49
N ARG B 79 -31.79 -3.86 0.95
CA ARG B 79 -31.68 -5.22 1.47
C ARG B 79 -31.64 -5.04 2.99
N GLY B 80 -32.52 -5.73 3.70
CA GLY B 80 -32.53 -5.63 5.15
C GLY B 80 -31.49 -6.58 5.73
N HIS B 81 -30.62 -6.06 6.60
CA HIS B 81 -29.54 -6.84 7.20
C HIS B 81 -29.37 -6.44 8.68
N THR B 82 -29.57 -7.35 9.63
CA THR B 82 -29.96 -8.75 9.43
C THR B 82 -30.78 -9.12 10.69
N LEU B 83 -31.75 -10.01 10.55
CA LEU B 83 -32.65 -10.35 11.66
C LEU B 83 -32.27 -11.34 12.77
N ALA B 84 -31.60 -12.43 12.44
CA ALA B 84 -31.21 -13.42 13.46
C ALA B 84 -29.74 -13.72 13.26
N TRP B 85 -28.96 -13.54 14.32
CA TRP B 85 -27.51 -13.70 14.21
C TRP B 85 -26.83 -13.78 15.57
N HIS B 86 -25.77 -14.58 15.66
CA HIS B 86 -25.02 -14.76 16.90
C HIS B 86 -24.12 -13.57 17.23
N SER B 87 -23.79 -12.79 16.22
CA SER B 87 -22.90 -11.64 16.40
C SER B 87 -23.64 -10.30 16.51
N GLN B 88 -22.99 -9.33 17.16
CA GLN B 88 -23.56 -8.00 17.37
C GLN B 88 -24.94 -8.01 18.00
N GLN B 89 -25.13 -8.89 18.97
CA GLN B 89 -26.41 -8.96 19.69
C GLN B 89 -26.27 -7.99 20.85
N PRO B 90 -27.36 -7.29 21.19
CA PRO B 90 -27.23 -6.36 22.32
C PRO B 90 -26.96 -7.20 23.57
N GLY B 91 -26.43 -6.56 24.61
CA GLY B 91 -26.14 -7.27 25.84
C GLY B 91 -27.28 -8.08 26.43
N TRP B 92 -28.49 -7.50 26.46
CA TRP B 92 -29.63 -8.21 27.04
C TRP B 92 -29.90 -9.55 26.35
N MET B 93 -29.62 -9.64 25.05
CA MET B 93 -29.85 -10.86 24.30
C MET B 93 -28.71 -11.87 24.48
N GLN B 94 -27.49 -11.37 24.63
CA GLN B 94 -26.33 -12.24 24.82
C GLN B 94 -26.48 -13.09 26.07
N SER B 95 -27.13 -12.54 27.09
CA SER B 95 -27.32 -13.29 28.33
C SER B 95 -28.53 -14.22 28.29
N LEU B 96 -29.17 -14.34 27.13
CA LEU B 96 -30.34 -15.22 27.01
C LEU B 96 -29.97 -16.57 26.41
N SER B 97 -30.79 -17.58 26.71
CA SER B 97 -30.60 -18.93 26.18
C SER B 97 -31.94 -19.66 26.24
N GLY B 98 -31.99 -20.87 25.70
CA GLY B 98 -33.21 -21.66 25.72
C GLY B 98 -34.46 -20.98 25.16
N SER B 99 -35.62 -21.41 25.65
CA SER B 99 -36.90 -20.87 25.20
C SER B 99 -37.01 -19.36 25.29
N THR B 100 -36.37 -18.77 26.29
CA THR B 100 -36.44 -17.31 26.45
C THR B 100 -35.75 -16.64 25.26
N LEU B 101 -34.65 -17.23 24.81
CA LEU B 101 -33.90 -16.68 23.67
C LEU B 101 -34.72 -16.90 22.41
N ARG B 102 -35.31 -18.09 22.29
CA ARG B 102 -36.10 -18.43 21.11
C ARG B 102 -37.25 -17.45 20.87
N GLN B 103 -37.94 -17.07 21.94
CA GLN B 103 -39.05 -16.15 21.79
C GLN B 103 -38.56 -14.73 21.53
N ALA B 104 -37.43 -14.38 22.12
CA ALA B 104 -36.87 -13.04 21.90
C ALA B 104 -36.51 -12.95 20.41
N MET B 105 -35.93 -14.02 19.87
CA MET B 105 -35.56 -14.05 18.45
C MET B 105 -36.82 -13.79 17.61
N ILE B 106 -37.90 -14.50 17.92
CA ILE B 106 -39.15 -14.34 17.20
C ILE B 106 -39.69 -12.91 17.36
N ASP B 107 -39.65 -12.40 18.59
CA ASP B 107 -40.14 -11.05 18.86
C ASP B 107 -39.33 -10.02 18.07
N HIS B 108 -38.02 -10.23 17.98
CA HIS B 108 -37.19 -9.29 17.24
C HIS B 108 -37.56 -9.27 15.76
N ILE B 109 -37.67 -10.45 15.17
CA ILE B 109 -38.02 -10.54 13.76
C ILE B 109 -39.35 -9.82 13.49
N ASN B 110 -40.36 -10.08 14.31
CA ASN B 110 -41.64 -9.44 14.12
C ASN B 110 -41.55 -7.92 14.24
N GLY B 111 -40.85 -7.45 15.26
CA GLY B 111 -40.70 -6.01 15.45
C GLY B 111 -40.05 -5.26 14.30
N VAL B 112 -38.91 -5.75 13.82
CA VAL B 112 -38.19 -5.08 12.74
C VAL B 112 -38.87 -5.18 11.37
N MET B 113 -39.34 -6.37 11.00
CA MET B 113 -40.01 -6.53 9.72
C MET B 113 -41.32 -5.77 9.67
N GLY B 114 -42.00 -5.71 10.81
CA GLY B 114 -43.24 -4.98 10.88
C GLY B 114 -43.02 -3.51 10.54
N HIS B 115 -41.98 -2.91 11.12
CA HIS B 115 -41.65 -1.51 10.86
C HIS B 115 -41.37 -1.27 9.38
N TYR B 116 -40.63 -2.17 8.75
CA TYR B 116 -40.27 -2.02 7.35
C TYR B 116 -41.15 -2.82 6.39
N LYS B 117 -42.25 -3.35 6.88
CA LYS B 117 -43.15 -4.15 6.06
C LYS B 117 -43.48 -3.55 4.72
N GLY B 118 -43.20 -4.32 3.66
CA GLY B 118 -43.47 -3.86 2.31
C GLY B 118 -42.48 -2.86 1.76
N LYS B 119 -41.42 -2.58 2.50
CA LYS B 119 -40.43 -1.61 2.03
C LYS B 119 -39.09 -2.23 1.67
N ILE B 120 -38.88 -3.49 2.05
CA ILE B 120 -37.62 -4.18 1.82
C ILE B 120 -37.63 -5.23 0.71
N ALA B 121 -36.72 -5.10 -0.24
CA ALA B 121 -36.62 -6.03 -1.35
C ALA B 121 -36.22 -7.44 -0.88
N GLN B 122 -35.17 -7.48 -0.07
CA GLN B 122 -34.65 -8.74 0.46
C GLN B 122 -34.30 -8.59 1.93
N TRP B 123 -34.47 -9.65 2.71
CA TRP B 123 -34.10 -9.64 4.11
C TRP B 123 -33.12 -10.78 4.38
N ASP B 124 -32.00 -10.47 5.02
CA ASP B 124 -31.09 -11.54 5.40
C ASP B 124 -31.73 -11.93 6.72
N VAL B 125 -32.64 -12.89 6.66
CA VAL B 125 -33.35 -13.35 7.85
C VAL B 125 -32.42 -13.94 8.89
N VAL B 126 -31.55 -14.85 8.46
CA VAL B 126 -30.59 -15.49 9.35
C VAL B 126 -29.21 -15.29 8.75
N ASN B 127 -28.24 -14.99 9.59
CA ASN B 127 -26.88 -14.75 9.14
C ASN B 127 -25.87 -15.66 9.86
N GLU B 128 -24.93 -16.22 9.10
CA GLU B 128 -23.85 -17.06 9.63
C GLU B 128 -24.18 -18.15 10.66
N ALA B 129 -25.16 -18.99 10.33
CA ALA B 129 -25.58 -20.06 11.23
C ALA B 129 -24.69 -21.29 11.16
N PHE B 130 -23.78 -21.33 10.18
CA PHE B 130 -22.89 -22.49 10.05
C PHE B 130 -21.46 -22.24 10.51
N SER B 131 -20.85 -23.30 11.02
CA SER B 131 -19.49 -23.27 11.54
C SER B 131 -18.39 -23.19 10.50
N ASP B 132 -17.22 -22.71 10.93
CA ASP B 132 -16.04 -22.63 10.07
C ASP B 132 -15.05 -23.74 10.40
N ASP B 133 -15.30 -24.50 11.47
CA ASP B 133 -14.37 -25.54 11.85
C ASP B 133 -14.00 -26.48 10.70
N GLY B 134 -14.82 -26.49 9.65
CA GLY B 134 -14.54 -27.33 8.49
C GLY B 134 -15.38 -28.59 8.41
N SER B 135 -16.32 -28.72 9.33
CA SER B 135 -17.18 -29.89 9.37
C SER B 135 -18.47 -29.65 8.60
N GLY B 136 -18.86 -28.39 8.44
CA GLY B 136 -20.08 -28.08 7.74
C GLY B 136 -21.28 -28.18 8.66
N GLY B 137 -21.03 -28.19 9.96
CA GLY B 137 -22.11 -28.29 10.93
C GLY B 137 -22.61 -26.90 11.34
N ARG B 138 -23.53 -26.87 12.30
CA ARG B 138 -24.09 -25.62 12.78
C ARG B 138 -23.08 -24.91 13.70
N ARG B 139 -23.09 -23.58 13.65
CA ARG B 139 -22.20 -22.81 14.51
C ARG B 139 -22.74 -22.98 15.93
N ASP B 140 -21.84 -23.20 16.88
CA ASP B 140 -22.25 -23.39 18.27
C ASP B 140 -22.48 -22.03 18.94
N SER B 141 -23.73 -21.55 18.90
CA SER B 141 -24.08 -20.27 19.50
C SER B 141 -25.29 -20.41 20.42
N ASN B 142 -25.64 -19.33 21.11
CA ASN B 142 -26.80 -19.37 21.99
C ASN B 142 -28.05 -19.66 21.17
N LEU B 143 -28.09 -19.18 19.93
CA LEU B 143 -29.24 -19.42 19.06
C LEU B 143 -29.38 -20.91 18.72
N GLN B 144 -28.27 -21.52 18.28
CA GLN B 144 -28.28 -22.94 17.92
C GLN B 144 -28.59 -23.82 19.12
N ARG B 145 -28.17 -23.40 20.31
CA ARG B 145 -28.41 -24.18 21.52
C ARG B 145 -29.87 -24.17 21.96
N THR B 146 -30.67 -23.29 21.39
CA THR B 146 -32.09 -23.24 21.73
C THR B 146 -32.78 -24.39 20.99
N GLY B 147 -32.08 -24.93 20.01
CA GLY B 147 -32.63 -26.01 19.22
C GLY B 147 -32.31 -25.85 17.75
N ASN B 148 -32.05 -26.98 17.09
CA ASN B 148 -31.70 -27.01 15.68
C ASN B 148 -32.74 -26.37 14.77
N ASP B 149 -33.98 -26.31 15.24
CA ASP B 149 -35.08 -25.75 14.46
C ASP B 149 -35.18 -24.23 14.49
N TRP B 150 -34.21 -23.56 15.12
CA TRP B 150 -34.28 -22.11 15.20
C TRP B 150 -34.28 -21.38 13.86
N ILE B 151 -33.47 -21.84 12.92
CA ILE B 151 -33.40 -21.21 11.60
C ILE B 151 -34.74 -21.32 10.87
N GLU B 152 -35.30 -22.53 10.86
CA GLU B 152 -36.59 -22.78 10.22
C GLU B 152 -37.65 -21.87 10.81
N VAL B 153 -37.65 -21.77 12.14
CA VAL B 153 -38.61 -20.94 12.87
C VAL B 153 -38.46 -19.48 12.47
N ALA B 154 -37.22 -19.03 12.33
CA ALA B 154 -36.93 -17.65 11.93
C ALA B 154 -37.54 -17.34 10.55
N PHE B 155 -37.41 -18.28 9.61
CA PHE B 155 -37.96 -18.05 8.28
C PHE B 155 -39.48 -18.08 8.27
N ARG B 156 -40.08 -19.01 9.01
CA ARG B 156 -41.54 -19.06 9.07
C ARG B 156 -42.04 -17.77 9.68
N THR B 157 -41.36 -17.29 10.73
CA THR B 157 -41.76 -16.05 11.37
C THR B 157 -41.68 -14.90 10.36
N ALA B 158 -40.57 -14.83 9.64
CA ALA B 158 -40.36 -13.77 8.66
C ALA B 158 -41.41 -13.73 7.54
N ARG B 159 -41.71 -14.89 6.95
CA ARG B 159 -42.70 -14.92 5.87
C ARG B 159 -44.02 -14.31 6.33
N ALA B 160 -44.44 -14.67 7.55
CA ALA B 160 -45.68 -14.16 8.11
C ALA B 160 -45.62 -12.67 8.39
N ALA B 161 -44.48 -12.19 8.91
CA ALA B 161 -44.32 -10.77 9.22
C ALA B 161 -44.38 -9.85 8.00
N ASP B 162 -43.86 -10.32 6.87
CA ASP B 162 -43.87 -9.54 5.63
C ASP B 162 -43.71 -10.47 4.43
N PRO B 163 -44.82 -11.06 3.96
CA PRO B 163 -44.81 -11.98 2.82
C PRO B 163 -44.35 -11.38 1.49
N ALA B 164 -44.15 -10.06 1.43
CA ALA B 164 -43.72 -9.42 0.19
C ALA B 164 -42.19 -9.43 0.03
N ALA B 165 -41.47 -9.62 1.13
CA ALA B 165 -40.01 -9.62 1.07
C ALA B 165 -39.43 -10.99 0.69
N LYS B 166 -38.30 -10.96 -0.01
CA LYS B 166 -37.59 -12.19 -0.37
C LYS B 166 -36.80 -12.54 0.88
N LEU B 167 -36.96 -13.77 1.36
CA LEU B 167 -36.25 -14.19 2.57
C LEU B 167 -34.96 -14.92 2.21
N CYS B 168 -33.84 -14.34 2.62
CA CYS B 168 -32.53 -14.92 2.35
C CYS B 168 -31.80 -15.48 3.55
N TYR B 169 -30.95 -16.48 3.29
CA TYR B 169 -30.08 -17.05 4.30
C TYR B 169 -28.74 -16.50 3.84
N ASN B 170 -28.03 -15.80 4.72
CA ASN B 170 -26.76 -15.18 4.37
C ASN B 170 -25.59 -15.77 5.14
N ASP B 171 -24.45 -15.98 4.47
CA ASP B 171 -23.26 -16.55 5.12
C ASP B 171 -21.98 -16.34 4.30
N TYR B 172 -20.83 -16.51 4.95
CA TYR B 172 -19.54 -16.37 4.28
C TYR B 172 -18.83 -17.73 4.24
N ASN B 173 -17.79 -17.83 3.40
CA ASN B 173 -17.04 -19.06 3.24
C ASN B 173 -17.92 -20.20 2.71
N ILE B 174 -18.92 -19.83 1.91
CA ILE B 174 -19.81 -20.81 1.31
C ILE B 174 -19.79 -20.61 -0.21
N GLU B 175 -18.70 -20.04 -0.70
CA GLU B 175 -18.54 -19.77 -2.13
C GLU B 175 -17.80 -20.91 -2.83
N ASN B 176 -16.81 -21.49 -2.15
CA ASN B 176 -16.06 -22.60 -2.73
C ASN B 176 -16.85 -23.88 -2.51
N TRP B 177 -17.30 -24.51 -3.60
CA TRP B 177 -18.10 -25.71 -3.44
C TRP B 177 -17.43 -26.83 -2.64
N THR B 178 -16.11 -26.94 -2.72
CA THR B 178 -15.40 -28.00 -2.01
C THR B 178 -15.37 -27.84 -0.49
N TRP B 179 -15.72 -26.65 0.01
CA TRP B 179 -15.74 -26.41 1.44
C TRP B 179 -16.96 -27.06 2.09
N ALA B 180 -16.75 -27.71 3.22
CA ALA B 180 -17.82 -28.39 3.96
C ALA B 180 -18.95 -27.45 4.37
N LYS B 181 -18.59 -26.21 4.69
CA LYS B 181 -19.56 -25.21 5.10
C LYS B 181 -20.58 -25.00 3.97
N THR B 182 -20.08 -24.85 2.75
CA THR B 182 -20.93 -24.65 1.59
C THR B 182 -21.96 -25.76 1.46
N GLN B 183 -21.52 -27.01 1.58
CA GLN B 183 -22.43 -28.15 1.45
C GLN B 183 -23.43 -28.27 2.58
N GLY B 184 -23.07 -27.77 3.76
CA GLY B 184 -23.97 -27.83 4.90
C GLY B 184 -25.15 -26.90 4.66
N VAL B 185 -24.85 -25.68 4.21
CA VAL B 185 -25.89 -24.70 3.93
C VAL B 185 -26.75 -25.23 2.79
N TYR B 186 -26.12 -25.87 1.81
CA TYR B 186 -26.85 -26.43 0.68
C TYR B 186 -27.86 -27.46 1.18
N ASN B 187 -27.40 -28.42 1.96
CA ASN B 187 -28.28 -29.45 2.51
C ASN B 187 -29.45 -28.86 3.31
N MET B 188 -29.20 -27.76 4.02
CA MET B 188 -30.26 -27.16 4.81
C MET B 188 -31.30 -26.52 3.90
N VAL B 189 -30.86 -25.69 2.97
CA VAL B 189 -31.76 -25.03 2.04
C VAL B 189 -32.55 -26.08 1.26
N ARG B 190 -31.89 -27.18 0.92
CA ARG B 190 -32.58 -28.25 0.21
C ARG B 190 -33.67 -28.86 1.10
N ASP B 191 -33.34 -29.07 2.36
CA ASP B 191 -34.31 -29.63 3.31
C ASP B 191 -35.50 -28.69 3.44
N PHE B 192 -35.20 -27.40 3.49
CA PHE B 192 -36.23 -26.37 3.61
C PHE B 192 -37.20 -26.41 2.44
N LYS B 193 -36.67 -26.47 1.23
CA LYS B 193 -37.51 -26.49 0.03
C LYS B 193 -38.35 -27.76 -0.05
N GLN B 194 -37.78 -28.86 0.41
CA GLN B 194 -38.50 -30.13 0.38
C GLN B 194 -39.64 -30.20 1.39
N ARG B 195 -39.47 -29.57 2.54
CA ARG B 195 -40.50 -29.61 3.57
C ARG B 195 -41.46 -28.42 3.56
N GLY B 196 -41.16 -27.41 2.76
CA GLY B 196 -42.03 -26.25 2.71
C GLY B 196 -41.63 -25.12 3.62
N VAL B 197 -40.38 -25.12 4.08
CA VAL B 197 -39.90 -24.04 4.93
C VAL B 197 -39.72 -22.85 4.00
N PRO B 198 -40.30 -21.70 4.35
CA PRO B 198 -40.20 -20.49 3.53
C PRO B 198 -38.79 -19.91 3.39
N ILE B 199 -38.25 -19.97 2.18
CA ILE B 199 -36.92 -19.41 1.89
C ILE B 199 -36.88 -19.12 0.39
N ASP B 200 -36.53 -17.89 0.04
CA ASP B 200 -36.50 -17.45 -1.36
C ASP B 200 -35.11 -17.20 -1.93
N CYS B 201 -34.13 -17.06 -1.05
CA CYS B 201 -32.80 -16.70 -1.52
C CYS B 201 -31.66 -17.09 -0.59
N VAL B 202 -30.46 -17.21 -1.15
CA VAL B 202 -29.27 -17.52 -0.36
C VAL B 202 -28.27 -16.41 -0.67
N GLY B 203 -27.79 -15.74 0.36
CA GLY B 203 -26.83 -14.67 0.15
C GLY B 203 -25.42 -15.19 0.33
N PHE B 204 -24.56 -14.92 -0.64
CA PHE B 204 -23.17 -15.33 -0.56
C PHE B 204 -22.35 -14.07 -0.28
N GLN B 205 -21.95 -13.90 0.99
CA GLN B 205 -21.19 -12.71 1.39
C GLN B 205 -20.03 -12.42 0.45
N SER B 206 -19.31 -13.47 0.06
CA SER B 206 -18.19 -13.30 -0.84
C SER B 206 -17.08 -12.39 -0.31
N HIS B 207 -16.62 -12.68 0.90
CA HIS B 207 -15.52 -11.91 1.48
C HIS B 207 -14.29 -12.74 1.10
N PHE B 208 -13.69 -12.40 -0.03
CA PHE B 208 -12.54 -13.12 -0.55
C PHE B 208 -11.18 -12.54 -0.14
N ASN B 209 -10.29 -13.40 0.36
CA ASN B 209 -8.95 -13.00 0.76
C ASN B 209 -8.06 -14.23 0.62
N SER B 210 -6.76 -14.10 0.86
CA SER B 210 -5.86 -15.26 0.70
C SER B 210 -6.17 -16.40 1.66
N GLY B 211 -6.96 -16.12 2.68
CA GLY B 211 -7.34 -17.16 3.62
C GLY B 211 -8.46 -17.99 3.01
N SER B 212 -9.38 -17.30 2.35
CA SER B 212 -10.52 -17.93 1.68
C SER B 212 -10.54 -17.32 0.29
N PRO B 213 -9.65 -17.78 -0.58
CA PRO B 213 -9.58 -17.25 -1.94
C PRO B 213 -10.74 -17.59 -2.86
N TYR B 214 -10.94 -16.75 -3.86
CA TYR B 214 -11.98 -16.99 -4.85
C TYR B 214 -11.56 -18.22 -5.64
N ASN B 215 -12.53 -19.00 -6.08
CA ASN B 215 -12.25 -20.18 -6.89
C ASN B 215 -13.28 -20.22 -8.01
N SER B 216 -12.83 -20.55 -9.21
CA SER B 216 -13.73 -20.61 -10.35
C SER B 216 -14.95 -21.50 -10.12
N ASN B 217 -14.87 -22.45 -9.20
CA ASN B 217 -16.02 -23.32 -8.95
C ASN B 217 -17.16 -22.58 -8.24
N PHE B 218 -16.96 -21.29 -7.98
CA PHE B 218 -17.99 -20.48 -7.33
C PHE B 218 -19.23 -20.47 -8.22
N ARG B 219 -18.99 -20.59 -9.53
CA ARG B 219 -20.09 -20.58 -10.48
C ARG B 219 -20.94 -21.83 -10.32
N THR B 220 -20.31 -22.98 -10.08
CA THR B 220 -21.08 -24.20 -9.90
C THR B 220 -21.87 -24.06 -8.61
N THR B 221 -21.25 -23.47 -7.59
CA THR B 221 -21.93 -23.27 -6.32
C THR B 221 -23.22 -22.47 -6.54
N LEU B 222 -23.11 -21.40 -7.33
CA LEU B 222 -24.27 -20.57 -7.62
C LEU B 222 -25.32 -21.37 -8.38
N GLN B 223 -24.87 -22.15 -9.35
CA GLN B 223 -25.76 -22.97 -10.17
C GLN B 223 -26.48 -23.97 -9.29
N ASN B 224 -25.72 -24.65 -8.42
CA ASN B 224 -26.29 -25.65 -7.54
C ASN B 224 -27.41 -25.07 -6.69
N PHE B 225 -27.16 -23.96 -6.02
CA PHE B 225 -28.22 -23.37 -5.19
C PHE B 225 -29.38 -22.91 -6.06
N ALA B 226 -29.09 -22.26 -7.18
CA ALA B 226 -30.14 -21.79 -8.08
C ALA B 226 -31.07 -22.95 -8.41
N ALA B 227 -30.48 -24.12 -8.66
CA ALA B 227 -31.21 -25.33 -9.00
C ALA B 227 -32.15 -25.83 -7.90
N LEU B 228 -32.01 -25.30 -6.69
CA LEU B 228 -32.90 -25.72 -5.60
C LEU B 228 -34.21 -24.94 -5.66
N GLY B 229 -34.25 -23.92 -6.50
CA GLY B 229 -35.47 -23.12 -6.62
C GLY B 229 -35.39 -21.84 -5.81
N VAL B 230 -34.18 -21.38 -5.53
CA VAL B 230 -34.00 -20.14 -4.76
C VAL B 230 -33.14 -19.19 -5.55
N ASP B 231 -33.32 -17.90 -5.34
CA ASP B 231 -32.48 -16.92 -6.03
C ASP B 231 -31.19 -16.86 -5.24
N VAL B 232 -30.14 -16.35 -5.86
CA VAL B 232 -28.87 -16.21 -5.18
C VAL B 232 -28.40 -14.78 -5.39
N ALA B 233 -27.66 -14.26 -4.43
CA ALA B 233 -27.15 -12.90 -4.53
C ALA B 233 -25.79 -12.83 -3.86
N ILE B 234 -24.92 -12.00 -4.43
CA ILE B 234 -23.58 -11.78 -3.90
C ILE B 234 -23.85 -10.54 -3.02
N THR B 235 -23.84 -10.76 -1.72
CA THR B 235 -24.21 -9.74 -0.75
C THR B 235 -23.21 -8.83 -0.05
N GLU B 236 -21.96 -9.25 0.09
CA GLU B 236 -20.99 -8.41 0.80
C GLU B 236 -19.62 -8.49 0.14
N LEU B 237 -19.61 -8.42 -1.17
CA LEU B 237 -18.38 -8.53 -1.94
C LEU B 237 -17.25 -7.53 -1.66
N ASP B 238 -16.07 -8.08 -1.45
CA ASP B 238 -14.82 -7.35 -1.28
C ASP B 238 -13.70 -8.37 -1.43
N ILE B 239 -12.66 -7.97 -2.16
CA ILE B 239 -11.55 -8.87 -2.44
C ILE B 239 -10.22 -8.29 -1.98
N GLN B 240 -9.55 -9.00 -1.09
CA GLN B 240 -8.25 -8.56 -0.58
C GLN B 240 -7.32 -8.36 -1.78
N GLY B 241 -6.85 -7.13 -1.97
CA GLY B 241 -5.98 -6.83 -3.08
C GLY B 241 -6.73 -6.24 -4.24
N ALA B 242 -8.06 -6.40 -4.22
CA ALA B 242 -8.94 -5.88 -5.26
C ALA B 242 -8.54 -6.29 -6.68
N SER B 243 -8.10 -7.52 -6.84
CA SER B 243 -7.68 -8.03 -8.16
C SER B 243 -8.70 -7.72 -9.26
N SER B 244 -8.23 -7.10 -10.34
CA SER B 244 -9.10 -6.77 -11.47
C SER B 244 -9.75 -8.04 -12.03
N SER B 245 -8.94 -9.09 -12.18
CA SER B 245 -9.40 -10.37 -12.72
C SER B 245 -10.38 -11.06 -11.79
N THR B 246 -10.10 -11.01 -10.50
CA THR B 246 -10.99 -11.68 -9.55
C THR B 246 -12.33 -10.95 -9.52
N TYR B 247 -12.28 -9.61 -9.47
CA TYR B 247 -13.52 -8.85 -9.45
C TYR B 247 -14.35 -9.15 -10.70
N ALA B 248 -13.69 -9.26 -11.86
CA ALA B 248 -14.39 -9.54 -13.11
C ALA B 248 -14.95 -10.97 -13.13
N ALA B 249 -14.19 -11.91 -12.58
CA ALA B 249 -14.61 -13.31 -12.54
C ALA B 249 -15.89 -13.47 -11.73
N VAL B 250 -15.94 -12.81 -10.57
CA VAL B 250 -17.10 -12.87 -9.71
C VAL B 250 -18.30 -12.30 -10.45
N THR B 251 -18.11 -11.15 -11.08
CA THR B 251 -19.16 -10.50 -11.83
C THR B 251 -19.70 -11.43 -12.91
N ASN B 252 -18.80 -12.06 -13.66
CA ASN B 252 -19.24 -12.96 -14.72
C ASN B 252 -19.94 -14.22 -14.21
N ASP B 253 -19.52 -14.73 -13.05
CA ASP B 253 -20.18 -15.90 -12.50
C ASP B 253 -21.65 -15.58 -12.23
N CYS B 254 -21.90 -14.42 -11.63
CA CYS B 254 -23.26 -14.01 -11.33
C CYS B 254 -24.08 -13.82 -12.59
N LEU B 255 -23.48 -13.22 -13.62
CA LEU B 255 -24.19 -12.99 -14.88
C LEU B 255 -24.38 -14.28 -15.64
N ALA B 256 -23.68 -15.33 -15.21
CA ALA B 256 -23.78 -16.64 -15.85
C ALA B 256 -24.91 -17.47 -15.27
N VAL B 257 -25.41 -17.08 -14.10
CA VAL B 257 -26.50 -17.78 -13.44
C VAL B 257 -27.75 -16.88 -13.48
N SER B 258 -28.75 -17.29 -14.24
CA SER B 258 -29.96 -16.48 -14.39
C SER B 258 -30.62 -16.07 -13.08
N ARG B 259 -30.46 -16.90 -12.04
CA ARG B 259 -31.04 -16.64 -10.72
C ARG B 259 -30.22 -15.73 -9.81
N CYS B 260 -29.05 -15.29 -10.27
CA CYS B 260 -28.23 -14.40 -9.46
C CYS B 260 -28.83 -13.01 -9.65
N LEU B 261 -29.51 -12.52 -8.62
CA LEU B 261 -30.19 -11.23 -8.66
C LEU B 261 -29.30 -10.00 -8.83
N GLY B 262 -28.13 -10.03 -8.20
CA GLY B 262 -27.26 -8.87 -8.30
C GLY B 262 -26.03 -8.97 -7.42
N ILE B 263 -25.25 -7.90 -7.39
CA ILE B 263 -24.03 -7.86 -6.62
C ILE B 263 -23.89 -6.65 -5.70
N THR B 264 -23.60 -6.90 -4.43
CA THR B 264 -23.39 -5.82 -3.49
C THR B 264 -21.96 -5.91 -2.99
N VAL B 265 -21.24 -4.79 -3.04
CA VAL B 265 -19.88 -4.73 -2.52
C VAL B 265 -20.01 -4.13 -1.13
N TRP B 266 -19.24 -4.65 -0.17
CA TRP B 266 -19.34 -4.17 1.20
C TRP B 266 -18.63 -2.86 1.48
N GLY B 267 -19.15 -1.79 0.87
CA GLY B 267 -18.57 -0.47 1.07
C GLY B 267 -18.34 0.33 -0.20
N VAL B 268 -18.10 1.63 -0.01
CA VAL B 268 -17.85 2.53 -1.12
C VAL B 268 -16.34 2.66 -1.37
N ARG B 269 -15.63 3.37 -0.49
CA ARG B 269 -14.18 3.56 -0.62
C ARG B 269 -13.40 2.58 0.28
N ASP B 270 -12.15 2.28 -0.09
CA ASP B 270 -11.34 1.38 0.72
C ASP B 270 -11.27 1.89 2.16
N THR B 271 -11.18 3.21 2.29
CA THR B 271 -11.10 3.84 3.61
C THR B 271 -12.36 3.64 4.44
N ASP B 272 -13.48 3.30 3.79
CA ASP B 272 -14.75 3.06 4.48
C ASP B 272 -14.90 1.59 4.87
N SER B 273 -14.08 0.74 4.26
CA SER B 273 -14.12 -0.70 4.49
C SER B 273 -13.83 -1.17 5.90
N TRP B 274 -14.51 -2.25 6.29
CA TRP B 274 -14.30 -2.84 7.61
C TRP B 274 -12.95 -3.53 7.58
N ARG B 275 -12.34 -3.56 6.40
CA ARG B 275 -11.02 -4.17 6.21
C ARG B 275 -10.22 -3.30 5.22
N SER B 276 -10.14 -2.01 5.53
CA SER B 276 -9.43 -1.05 4.69
C SER B 276 -7.99 -1.51 4.46
N GLY B 277 -7.44 -2.23 5.43
CA GLY B 277 -6.09 -2.72 5.31
C GLY B 277 -5.90 -3.62 4.12
N ASP B 278 -7.00 -4.24 3.66
CA ASP B 278 -6.94 -5.12 2.49
C ASP B 278 -7.28 -4.34 1.20
N THR B 279 -7.52 -3.03 1.30
CA THR B 279 -7.85 -2.19 0.15
C THR B 279 -8.66 -3.08 -0.79
N PRO B 280 -9.79 -3.61 -0.30
CA PRO B 280 -10.65 -4.52 -1.05
C PRO B 280 -11.84 -4.02 -1.85
N LEU B 281 -12.04 -2.71 -1.96
CA LEU B 281 -13.19 -2.22 -2.69
C LEU B 281 -12.88 -1.66 -4.08
N LEU B 282 -13.87 -1.05 -4.71
CA LEU B 282 -13.73 -0.53 -6.06
C LEU B 282 -13.28 0.93 -6.18
N PHE B 283 -13.36 1.68 -5.08
CA PHE B 283 -12.91 3.08 -5.07
C PHE B 283 -11.87 3.25 -3.98
N ASN B 284 -10.82 4.05 -4.23
CA ASN B 284 -9.80 4.24 -3.20
C ASN B 284 -10.12 5.40 -2.25
N GLY B 285 -9.23 5.62 -1.29
CA GLY B 285 -9.42 6.68 -0.32
C GLY B 285 -9.85 8.05 -0.80
N ASP B 286 -9.21 8.57 -1.84
CA ASP B 286 -9.58 9.89 -2.34
C ASP B 286 -10.77 9.88 -3.30
N GLY B 287 -11.51 8.76 -3.31
CA GLY B 287 -12.69 8.66 -4.13
C GLY B 287 -12.55 8.32 -5.61
N SER B 288 -11.34 7.99 -6.05
CA SER B 288 -11.15 7.68 -7.46
C SER B 288 -11.43 6.21 -7.77
N LYS B 289 -11.89 5.96 -8.99
CA LYS B 289 -12.18 4.61 -9.44
C LYS B 289 -10.86 3.85 -9.56
N LYS B 290 -10.85 2.62 -9.09
CA LYS B 290 -9.65 1.78 -9.17
C LYS B 290 -9.71 0.95 -10.45
N ALA B 291 -8.59 0.31 -10.80
CA ALA B 291 -8.54 -0.52 -11.99
C ALA B 291 -9.63 -1.60 -11.95
N ALA B 292 -9.92 -2.09 -10.75
CA ALA B 292 -10.95 -3.12 -10.60
C ALA B 292 -12.33 -2.58 -10.93
N TYR B 293 -12.55 -1.30 -10.68
CA TYR B 293 -13.85 -0.71 -10.99
C TYR B 293 -14.10 -0.89 -12.48
N THR B 294 -13.12 -0.45 -13.27
CA THR B 294 -13.21 -0.54 -14.72
C THR B 294 -13.46 -1.98 -15.17
N ALA B 295 -12.75 -2.91 -14.55
CA ALA B 295 -12.90 -4.32 -14.88
C ALA B 295 -14.31 -4.81 -14.58
N VAL B 296 -14.86 -4.36 -13.46
CA VAL B 296 -16.22 -4.77 -13.09
C VAL B 296 -17.23 -4.19 -14.08
N LEU B 297 -17.11 -2.90 -14.36
CA LEU B 297 -18.01 -2.24 -15.30
C LEU B 297 -17.94 -2.93 -16.66
N ASN B 298 -16.72 -3.19 -17.13
CA ASN B 298 -16.54 -3.83 -18.42
C ASN B 298 -17.19 -5.22 -18.45
N ALA B 299 -17.07 -5.96 -17.35
CA ALA B 299 -17.69 -7.29 -17.30
C ALA B 299 -19.21 -7.16 -17.35
N LEU B 300 -19.75 -6.19 -16.62
CA LEU B 300 -21.19 -5.97 -16.60
C LEU B 300 -21.70 -5.64 -18.00
N ASN B 301 -20.90 -4.89 -18.76
CA ASN B 301 -21.27 -4.51 -20.12
C ASN B 301 -21.00 -5.59 -21.16
N GLY B 302 -20.71 -6.80 -20.68
CA GLY B 302 -20.45 -7.91 -21.59
C GLY B 302 -18.98 -8.10 -21.94
N GLY B 303 -18.17 -7.11 -21.58
CA GLY B 303 -16.75 -7.19 -21.88
C GLY B 303 -16.46 -7.05 -23.36
N SER B 304 -15.45 -7.77 -23.83
CA SER B 304 -15.06 -7.73 -25.24
C SER B 304 -14.90 -9.16 -25.76
N SER B 305 -14.71 -9.29 -27.07
CA SER B 305 -14.54 -10.61 -27.69
C SER B 305 -13.10 -10.80 -28.16
N THR B 306 -12.16 -10.35 -27.33
CA THR B 306 -10.74 -10.47 -27.63
C THR B 306 -9.98 -10.73 -26.33
N PRO B 307 -9.65 -12.00 -26.05
CA PRO B 307 -8.92 -12.42 -24.84
C PRO B 307 -7.78 -11.49 -24.45
N PRO B 308 -7.84 -10.92 -23.24
CA PRO B 308 -6.83 -10.00 -22.71
C PRO B 308 -5.40 -10.56 -22.83
N PRO B 309 -4.45 -9.73 -23.26
CA PRO B 309 -3.04 -10.11 -23.43
C PRO B 309 -2.41 -10.62 -22.15
N SER B 310 -2.57 -11.92 -21.88
CA SER B 310 -2.01 -12.55 -20.69
C SER B 310 -0.48 -12.50 -20.69
N GLY B 311 0.08 -11.73 -19.77
CA GLY B 311 1.53 -11.61 -19.69
C GLY B 311 2.13 -10.94 -20.91
N GLY B 312 2.94 -9.92 -20.68
CA GLY B 312 3.57 -9.21 -21.78
C GLY B 312 2.56 -8.61 -22.74
N GLY B 313 3.06 -8.00 -23.81
CA GLY B 313 2.17 -7.40 -24.79
C GLY B 313 2.48 -5.93 -25.01
N GLN B 314 2.41 -5.51 -26.26
CA GLN B 314 2.68 -4.11 -26.61
C GLN B 314 1.41 -3.26 -26.55
N ILE B 315 1.60 -1.96 -26.47
CA ILE B 315 0.49 -1.01 -26.42
C ILE B 315 0.72 -0.04 -27.57
N LYS B 316 -0.12 -0.11 -28.59
CA LYS B 316 0.01 0.76 -29.76
C LYS B 316 -1.06 1.83 -29.80
N GLY B 317 -0.65 3.05 -30.15
CA GLY B 317 -1.59 4.15 -30.24
C GLY B 317 -2.24 4.13 -31.61
N VAL B 318 -3.57 4.02 -31.63
CA VAL B 318 -4.30 3.97 -32.89
C VAL B 318 -4.06 5.22 -33.74
N GLY B 319 -3.77 6.34 -33.08
CA GLY B 319 -3.53 7.57 -33.80
C GLY B 319 -2.11 7.79 -34.28
N SER B 320 -1.28 6.76 -34.24
CA SER B 320 0.11 6.89 -34.68
C SER B 320 0.71 5.56 -35.13
N GLY B 321 0.16 4.46 -34.64
CA GLY B 321 0.66 3.15 -35.02
C GLY B 321 1.93 2.79 -34.26
N ARG B 322 2.45 3.73 -33.48
CA ARG B 322 3.65 3.49 -32.69
C ARG B 322 3.33 2.82 -31.36
N CYS B 323 4.29 2.06 -30.85
CA CYS B 323 4.11 1.36 -29.59
C CYS B 323 4.74 2.08 -28.40
N LEU B 324 4.06 2.01 -27.26
CA LEU B 324 4.55 2.63 -26.03
C LEU B 324 5.96 2.08 -25.84
N ASP B 325 6.95 2.95 -25.95
CA ASP B 325 8.35 2.54 -25.86
C ASP B 325 9.15 3.30 -24.80
N VAL B 326 10.06 2.59 -24.14
CA VAL B 326 10.91 3.20 -23.13
C VAL B 326 12.25 3.50 -23.80
N PRO B 327 12.57 4.78 -23.99
CA PRO B 327 13.81 5.26 -24.62
C PRO B 327 15.02 4.36 -24.44
N ASN B 328 15.53 3.85 -25.55
CA ASN B 328 16.71 2.99 -25.58
C ASN B 328 16.70 1.85 -24.55
N ALA B 329 15.52 1.31 -24.29
CA ALA B 329 15.37 0.21 -23.34
C ALA B 329 16.08 0.48 -22.01
N SER B 330 16.01 1.72 -21.55
CA SER B 330 16.63 2.09 -20.29
C SER B 330 15.82 1.57 -19.10
N THR B 331 16.50 1.36 -17.98
CA THR B 331 15.84 0.90 -16.76
C THR B 331 16.13 1.94 -15.68
N THR B 332 16.40 3.16 -16.14
CA THR B 332 16.68 4.29 -15.26
C THR B 332 15.39 4.97 -14.82
N ASP B 333 15.13 4.94 -13.51
CA ASP B 333 13.92 5.57 -12.98
C ASP B 333 13.86 7.04 -13.40
N GLY B 334 12.68 7.46 -13.86
CA GLY B 334 12.51 8.84 -14.29
C GLY B 334 12.58 9.00 -15.79
N THR B 335 12.74 7.90 -16.50
CA THR B 335 12.80 7.95 -17.96
C THR B 335 11.40 8.13 -18.52
N GLN B 336 11.16 9.26 -19.18
CA GLN B 336 9.86 9.51 -19.76
C GLN B 336 9.72 8.59 -20.98
N VAL B 337 8.55 7.95 -21.10
CA VAL B 337 8.30 7.03 -22.20
C VAL B 337 7.97 7.77 -23.50
N GLN B 338 8.02 7.03 -24.61
CA GLN B 338 7.77 7.62 -25.93
C GLN B 338 7.03 6.70 -26.88
N LEU B 339 6.79 7.21 -28.08
CA LEU B 339 6.13 6.48 -29.15
C LEU B 339 7.24 6.05 -30.10
N TYR B 340 7.22 4.78 -30.49
CA TYR B 340 8.23 4.26 -31.40
C TYR B 340 7.69 3.09 -32.18
N ASP B 341 8.24 2.88 -33.38
CA ASP B 341 7.81 1.79 -34.23
C ASP B 341 7.87 0.48 -33.45
N CYS B 342 6.77 -0.28 -33.54
CA CYS B 342 6.64 -1.54 -32.82
C CYS B 342 7.60 -2.64 -33.24
N HIS B 343 8.14 -3.35 -32.25
CA HIS B 343 9.05 -4.46 -32.49
C HIS B 343 9.16 -5.32 -31.24
N SER B 344 9.49 -6.58 -31.43
CA SER B 344 9.63 -7.50 -30.31
C SER B 344 10.85 -7.18 -29.45
N ALA B 345 10.67 -6.29 -28.49
CA ALA B 345 11.74 -5.89 -27.58
C ALA B 345 11.11 -5.55 -26.23
N THR B 346 11.62 -6.17 -25.17
CA THR B 346 11.11 -5.95 -23.83
C THR B 346 10.72 -4.51 -23.50
N ASN B 347 11.53 -3.55 -23.93
CA ASN B 347 11.25 -2.14 -23.65
C ASN B 347 9.94 -1.69 -24.29
N GLN B 348 9.21 -2.64 -24.84
CA GLN B 348 7.92 -2.36 -25.47
C GLN B 348 6.88 -3.39 -25.03
N GLN B 349 7.30 -4.29 -24.16
CA GLN B 349 6.41 -5.33 -23.64
C GLN B 349 5.87 -4.88 -22.28
N TRP B 350 4.58 -4.60 -22.24
CA TRP B 350 3.94 -4.15 -21.00
C TRP B 350 2.94 -5.17 -20.46
N THR B 351 2.99 -5.39 -19.16
CA THR B 351 2.07 -6.34 -18.51
C THR B 351 1.10 -5.54 -17.64
N TYR B 352 -0.19 -5.79 -17.82
CA TYR B 352 -1.22 -5.11 -17.03
C TYR B 352 -1.56 -6.05 -15.86
N THR B 353 -1.05 -5.72 -14.68
CA THR B 353 -1.27 -6.55 -13.50
C THR B 353 -2.68 -6.44 -12.95
N ASP B 354 -3.05 -7.39 -12.10
CA ASP B 354 -4.37 -7.40 -11.49
C ASP B 354 -4.54 -6.26 -10.50
N ALA B 355 -3.41 -5.67 -10.12
CA ALA B 355 -3.40 -4.56 -9.19
C ALA B 355 -3.55 -3.23 -9.94
N GLY B 356 -3.55 -3.29 -11.27
CA GLY B 356 -3.73 -2.08 -12.06
C GLY B 356 -2.46 -1.41 -12.54
N GLU B 357 -1.33 -2.09 -12.43
CA GLU B 357 -0.06 -1.52 -12.87
C GLU B 357 0.27 -1.94 -14.30
N LEU B 358 1.04 -1.10 -14.98
CA LEU B 358 1.50 -1.41 -16.32
C LEU B 358 3.00 -1.60 -16.14
N ARG B 359 3.42 -2.86 -16.05
CA ARG B 359 4.82 -3.20 -15.83
C ARG B 359 5.66 -3.47 -17.08
N VAL B 360 6.94 -3.11 -16.97
CA VAL B 360 7.93 -3.31 -18.02
C VAL B 360 9.19 -3.82 -17.33
N TYR B 361 9.96 -4.65 -18.00
CA TYR B 361 11.17 -5.22 -17.43
C TYR B 361 10.86 -6.11 -16.24
N GLY B 362 9.57 -6.24 -15.93
CA GLY B 362 9.16 -7.09 -14.82
C GLY B 362 9.08 -6.49 -13.44
N ASP B 363 9.65 -5.30 -13.25
CA ASP B 363 9.60 -4.67 -11.94
C ASP B 363 9.64 -3.14 -12.01
N LYS B 364 9.46 -2.60 -13.20
CA LYS B 364 9.41 -1.16 -13.41
C LYS B 364 7.97 -0.85 -13.76
N CYS B 365 7.44 0.26 -13.22
CA CYS B 365 6.05 0.62 -13.46
C CYS B 365 5.82 1.94 -14.20
N LEU B 366 4.78 1.98 -15.01
CA LEU B 366 4.41 3.21 -15.73
C LEU B 366 4.08 4.14 -14.56
N ASP B 367 4.72 5.31 -14.55
CA ASP B 367 4.57 6.23 -13.43
C ASP B 367 4.36 7.69 -13.81
N ALA B 368 3.49 8.36 -13.06
CA ALA B 368 3.22 9.77 -13.30
C ALA B 368 3.69 10.56 -12.08
N ALA B 369 4.56 11.54 -12.29
CA ALA B 369 5.05 12.37 -11.19
C ALA B 369 4.31 13.69 -11.22
N GLY B 370 3.02 13.62 -10.89
CA GLY B 370 2.17 14.80 -10.88
C GLY B 370 0.76 14.38 -11.25
N THR B 371 -0.22 15.27 -11.03
CA THR B 371 -1.59 14.94 -11.34
C THR B 371 -2.21 15.88 -12.38
N GLY B 372 -1.46 16.93 -12.74
CA GLY B 372 -1.98 17.89 -13.70
C GLY B 372 -1.68 17.58 -15.16
N ASN B 373 -2.25 18.38 -16.05
CA ASN B 373 -2.04 18.20 -17.47
C ASN B 373 -0.58 18.50 -17.82
N GLY B 374 -0.01 17.68 -18.69
CA GLY B 374 1.38 17.88 -19.07
C GLY B 374 2.34 17.12 -18.18
N THR B 375 1.82 16.40 -17.19
CA THR B 375 2.66 15.62 -16.29
C THR B 375 3.35 14.55 -17.12
N LYS B 376 4.67 14.49 -17.00
CA LYS B 376 5.44 13.51 -17.75
C LYS B 376 5.21 12.09 -17.27
N VAL B 377 4.85 11.20 -18.20
CA VAL B 377 4.63 9.80 -17.86
C VAL B 377 5.97 9.10 -18.02
N GLN B 378 6.38 8.38 -16.98
CA GLN B 378 7.68 7.74 -16.98
C GLN B 378 7.65 6.34 -16.38
N ILE B 379 8.83 5.79 -16.16
CA ILE B 379 8.94 4.49 -15.52
C ILE B 379 9.60 4.79 -14.18
N TYR B 380 9.23 4.00 -13.17
CA TYR B 380 9.77 4.16 -11.83
C TYR B 380 9.59 2.80 -11.15
N SER B 381 10.39 2.52 -10.13
CA SER B 381 10.29 1.26 -9.42
C SER B 381 8.85 1.05 -8.94
N CYS B 382 8.34 -0.16 -9.09
CA CYS B 382 6.97 -0.47 -8.68
C CYS B 382 6.79 -0.53 -7.16
N TRP B 383 5.86 0.25 -6.63
CA TRP B 383 5.61 0.23 -5.21
C TRP B 383 4.12 0.26 -4.88
N GLY B 384 3.28 0.28 -5.92
CA GLY B 384 1.84 0.28 -5.71
C GLY B 384 1.15 1.62 -5.50
N GLY B 385 1.84 2.72 -5.76
CA GLY B 385 1.21 4.02 -5.59
C GLY B 385 0.06 4.25 -6.55
N ASP B 386 -0.88 5.11 -6.20
CA ASP B 386 -2.01 5.37 -7.08
C ASP B 386 -1.56 6.02 -8.39
N ASN B 387 -0.42 6.67 -8.37
CA ASN B 387 0.12 7.32 -9.57
C ASN B 387 0.80 6.28 -10.46
N GLN B 388 0.71 5.02 -10.07
CA GLN B 388 1.31 3.92 -10.84
C GLN B 388 0.21 2.95 -11.26
N LYS B 389 -1.03 3.33 -11.04
CA LYS B 389 -2.16 2.48 -11.38
C LYS B 389 -3.01 3.10 -12.49
N TRP B 390 -3.46 2.25 -13.40
CA TRP B 390 -4.22 2.71 -14.54
C TRP B 390 -5.48 1.92 -14.85
N ARG B 391 -6.44 2.60 -15.45
CA ARG B 391 -7.71 1.99 -15.85
C ARG B 391 -7.72 1.93 -17.37
N LEU B 392 -7.99 0.74 -17.91
CA LEU B 392 -8.06 0.57 -19.35
C LEU B 392 -9.53 0.61 -19.75
N ASN B 393 -10.00 1.80 -20.11
CA ASN B 393 -11.40 1.98 -20.50
C ASN B 393 -11.68 1.29 -21.82
N SER B 394 -12.92 0.84 -21.97
CA SER B 394 -13.36 0.16 -23.17
C SER B 394 -13.29 1.08 -24.40
N ASP B 395 -13.30 2.40 -24.15
CA ASP B 395 -13.26 3.36 -25.24
C ASP B 395 -11.84 3.47 -25.81
N GLY B 396 -10.94 2.62 -25.32
CA GLY B 396 -9.57 2.63 -25.81
C GLY B 396 -8.60 3.50 -25.03
N SER B 397 -9.10 4.32 -24.11
CA SER B 397 -8.24 5.20 -23.32
C SER B 397 -7.63 4.51 -22.10
N ILE B 398 -6.55 5.09 -21.58
CA ILE B 398 -5.86 4.59 -20.40
C ILE B 398 -5.77 5.74 -19.41
N VAL B 399 -6.62 5.71 -18.39
CA VAL B 399 -6.68 6.77 -17.40
C VAL B 399 -5.90 6.49 -16.13
N GLY B 400 -5.28 7.53 -15.58
CA GLY B 400 -4.52 7.40 -14.35
C GLY B 400 -5.47 7.44 -13.16
N VAL B 401 -5.37 6.45 -12.28
CA VAL B 401 -6.24 6.39 -11.12
C VAL B 401 -6.13 7.63 -10.24
N GLN B 402 -4.90 8.03 -9.91
CA GLN B 402 -4.71 9.19 -9.06
C GLN B 402 -5.07 10.49 -9.75
N SER B 403 -4.68 10.63 -11.01
CA SER B 403 -4.92 11.85 -11.77
C SER B 403 -6.28 11.94 -12.44
N GLY B 404 -6.79 10.82 -12.92
CA GLY B 404 -8.05 10.84 -13.62
C GLY B 404 -7.78 11.38 -15.02
N LEU B 405 -6.49 11.47 -15.36
CA LEU B 405 -6.08 11.96 -16.68
C LEU B 405 -5.68 10.81 -17.60
N CYS B 406 -5.77 11.05 -18.90
CA CYS B 406 -5.45 10.04 -19.90
C CYS B 406 -4.03 10.13 -20.45
N LEU B 407 -3.49 8.99 -20.86
CA LEU B 407 -2.16 8.95 -21.45
C LEU B 407 -2.32 9.70 -22.76
N ASP B 408 -1.46 10.68 -22.97
CA ASP B 408 -1.56 11.52 -24.16
C ASP B 408 -0.25 11.72 -24.93
N ALA B 409 -0.28 11.43 -26.22
CA ALA B 409 0.89 11.62 -27.07
C ALA B 409 1.01 13.13 -27.20
N VAL B 410 2.05 13.70 -26.59
CA VAL B 410 2.26 15.15 -26.61
C VAL B 410 2.02 15.81 -27.96
N GLY B 411 1.32 16.94 -27.92
CA GLY B 411 1.02 17.69 -29.13
C GLY B 411 0.44 16.86 -30.25
N GLY B 412 -0.20 15.74 -29.91
CA GLY B 412 -0.77 14.88 -30.92
C GLY B 412 0.26 14.38 -31.90
N GLY B 413 1.52 14.37 -31.49
CA GLY B 413 2.58 13.90 -32.36
C GLY B 413 2.36 12.44 -32.70
N THR B 414 3.06 11.94 -33.71
CA THR B 414 2.92 10.54 -34.12
C THR B 414 4.24 9.94 -34.56
N ALA B 415 5.26 10.78 -34.69
CA ALA B 415 6.58 10.32 -35.11
C ALA B 415 7.37 9.72 -33.96
N ASN B 416 8.27 8.80 -34.26
CA ASN B 416 9.08 8.16 -33.24
C ASN B 416 9.70 9.25 -32.37
N GLY B 417 9.73 9.01 -31.06
CA GLY B 417 10.28 9.99 -30.15
C GLY B 417 9.21 10.84 -29.49
N THR B 418 7.97 10.67 -29.90
CA THR B 418 6.87 11.44 -29.31
C THR B 418 6.79 11.06 -27.84
N LEU B 419 6.81 12.07 -26.98
CA LEU B 419 6.75 11.85 -25.54
C LEU B 419 5.31 11.65 -25.07
N ILE B 420 5.16 10.90 -23.98
CA ILE B 420 3.85 10.64 -23.41
C ILE B 420 3.61 11.49 -22.17
N GLN B 421 2.39 11.95 -21.98
CA GLN B 421 2.03 12.78 -20.85
C GLN B 421 0.61 12.48 -20.38
N LEU B 422 0.18 13.24 -19.38
CA LEU B 422 -1.17 13.12 -18.83
C LEU B 422 -1.93 14.35 -19.29
N TYR B 423 -3.19 14.17 -19.70
CA TYR B 423 -3.99 15.30 -20.16
C TYR B 423 -5.47 14.98 -20.07
N SER B 424 -6.29 16.00 -19.88
CA SER B 424 -7.73 15.80 -19.80
C SER B 424 -8.15 14.92 -20.96
N CYS B 425 -8.74 13.77 -20.63
CA CYS B 425 -9.17 12.83 -21.65
C CYS B 425 -9.98 13.43 -22.79
N SER B 426 -9.54 13.13 -24.00
CA SER B 426 -10.18 13.58 -25.23
C SER B 426 -10.23 12.34 -26.10
N ASN B 427 -11.38 12.06 -26.70
CA ASN B 427 -11.51 10.88 -27.54
C ASN B 427 -10.52 10.91 -28.71
N GLY B 428 -9.58 11.84 -28.66
CA GLY B 428 -8.59 11.96 -29.71
C GLY B 428 -7.81 10.66 -29.90
N SER B 429 -7.35 10.43 -31.12
CA SER B 429 -6.61 9.23 -31.45
C SER B 429 -5.26 9.18 -30.74
N ASN B 430 -4.81 10.33 -30.24
CA ASN B 430 -3.53 10.43 -29.54
C ASN B 430 -3.71 10.05 -28.08
N GLN B 431 -4.85 9.42 -27.78
CA GLN B 431 -5.15 8.98 -26.43
C GLN B 431 -5.76 7.58 -26.42
N ARG B 432 -5.99 7.02 -27.61
CA ARG B 432 -6.53 5.68 -27.73
C ARG B 432 -5.40 4.69 -27.97
N TRP B 433 -5.50 3.50 -27.37
CA TRP B 433 -4.47 2.50 -27.52
C TRP B 433 -5.06 1.11 -27.78
N THR B 434 -4.26 0.24 -28.38
CA THR B 434 -4.70 -1.11 -28.69
C THR B 434 -3.71 -2.14 -28.20
N ARG B 435 -4.22 -3.13 -27.48
CA ARG B 435 -3.38 -4.21 -26.95
C ARG B 435 -2.99 -5.11 -28.12
N THR B 436 -1.86 -5.80 -27.97
CA THR B 436 -1.37 -6.69 -29.02
C THR B 436 -0.38 -7.70 -28.43
#